data_223D
# 
_entry.id   223D 
# 
_audit_conform.dict_name       mmcif_pdbx.dic 
_audit_conform.dict_version    5.389 
_audit_conform.dict_location   http://mmcif.pdb.org/dictionaries/ascii/mmcif_pdbx.dic 
# 
loop_
_database_2.database_id 
_database_2.database_code 
_database_2.pdbx_database_accession 
_database_2.pdbx_DOI 
PDB   223D         pdb_0000223d 10.2210/pdb223d/pdb 
RCSB  ZDFB43       ?            ?                   
WWPDB D_1000177596 ?            ?                   
# 
loop_
_pdbx_audit_revision_history.ordinal 
_pdbx_audit_revision_history.data_content_type 
_pdbx_audit_revision_history.major_revision 
_pdbx_audit_revision_history.minor_revision 
_pdbx_audit_revision_history.revision_date 
1 'Structure model' 1 0 1995-12-09 
2 'Structure model' 1 1 2008-05-22 
3 'Structure model' 1 2 2011-07-13 
4 'Structure model' 1 3 2018-04-04 
5 'Structure model' 1 4 2024-02-14 
6 'Structure model' 1 5 2024-04-03 
# 
_pdbx_audit_revision_details.ordinal             1 
_pdbx_audit_revision_details.revision_ordinal    1 
_pdbx_audit_revision_details.data_content_type   'Structure model' 
_pdbx_audit_revision_details.provider            repository 
_pdbx_audit_revision_details.type                'Initial release' 
_pdbx_audit_revision_details.description         ? 
_pdbx_audit_revision_details.details             ? 
# 
loop_
_pdbx_audit_revision_group.ordinal 
_pdbx_audit_revision_group.revision_ordinal 
_pdbx_audit_revision_group.data_content_type 
_pdbx_audit_revision_group.group 
1 2 'Structure model' 'Version format compliance' 
2 3 'Structure model' 'Version format compliance' 
3 4 'Structure model' 'Data collection'           
4 5 'Structure model' 'Data collection'           
5 5 'Structure model' 'Database references'       
6 5 'Structure model' 'Derived calculations'      
7 6 'Structure model' 'Refinement description'    
# 
loop_
_pdbx_audit_revision_category.ordinal 
_pdbx_audit_revision_category.revision_ordinal 
_pdbx_audit_revision_category.data_content_type 
_pdbx_audit_revision_category.category 
1 4 'Structure model' diffrn_source                 
2 5 'Structure model' chem_comp_atom                
3 5 'Structure model' chem_comp_bond                
4 5 'Structure model' database_2                    
5 5 'Structure model' struct_conn                   
6 6 'Structure model' pdbx_initial_refinement_model 
# 
loop_
_pdbx_audit_revision_item.ordinal 
_pdbx_audit_revision_item.revision_ordinal 
_pdbx_audit_revision_item.data_content_type 
_pdbx_audit_revision_item.item 
1 4 'Structure model' '_diffrn_source.type'                 
2 5 'Structure model' '_database_2.pdbx_DOI'                
3 5 'Structure model' '_database_2.pdbx_database_accession' 
4 5 'Structure model' '_struct_conn.pdbx_leaving_atom_flag' 
# 
_pdbx_database_status.status_code                     REL 
_pdbx_database_status.entry_id                        223D 
_pdbx_database_status.recvd_initial_deposition_date   1995-08-01 
_pdbx_database_status.deposit_site                    BNL 
_pdbx_database_status.process_site                    NDB 
_pdbx_database_status.status_code_sf                  REL 
_pdbx_database_status.status_code_mr                  ? 
_pdbx_database_status.SG_entry                        ? 
_pdbx_database_status.pdb_format_compatible           Y 
_pdbx_database_status.status_code_cs                  ? 
_pdbx_database_status.methods_development_category    ? 
_pdbx_database_status.status_code_nmr_data            ? 
# 
loop_
_audit_author.name 
_audit_author.pdbx_ordinal 
'Moore, M.H.'       1 
'Van Meervelt, L.'  2 
'Salisbury, S.A.'   3 
'Kong Thoo Lin, P.' 4 
'Brown, D.M.'       5 
# 
loop_
_citation.id 
_citation.title 
_citation.journal_abbrev 
_citation.journal_volume 
_citation.page_first 
_citation.page_last 
_citation.year 
_citation.journal_id_ASTM 
_citation.country 
_citation.journal_id_ISSN 
_citation.journal_id_CSD 
_citation.book_publisher 
_citation.pdbx_database_id_PubMed 
_citation.pdbx_database_id_DOI 
primary 
;Direct observation of two base-pairing modes of a cytosine-thymine analogue with guanine in a DNA Z-form duplex: significance for base analogue mutagenesis.
;
J.Mol.Biol.                   251 665  673  1995 JMOBAK UK 0022-2836 0070 ? 7666418 10.1006/jmbi.1995.0463 
1       'To Wobble or Not to Wobble: Modified Bases Incorporated Into DNA' 'Nucleosides and Nucleotides' 14  1057 1059 1995 NUNUD5 
US 0732-8311 0653 ? ?       ?                      
# 
loop_
_citation_author.citation_id 
_citation_author.name 
_citation_author.ordinal 
_citation_author.identifier_ORCID 
primary 'Moore, M.H.'       1 ? 
primary 'Van Meervelt, L.'  2 ? 
primary 'Salisbury, S.A.'   3 ? 
primary 'Lin, P.K.'         4 ? 
primary 'Brown, D.M.'       5 ? 
1       'Van Meervelt, L.'  6 ? 
1       'Moore, M.H.'       7 ? 
1       'Kong Thoo Lin, P.' 8 ? 
1       'Brown, D.M.'       9 ? 
# 
loop_
_entity.id 
_entity.type 
_entity.src_method 
_entity.pdbx_description 
_entity.formula_weight 
_entity.pdbx_number_of_molecules 
_entity.pdbx_ec 
_entity.pdbx_mutation 
_entity.pdbx_fragment 
_entity.details 
1 polymer syn 
;DNA (5'-D(*CP*GP*CP*GP*(C46)P*G)-3')
;
1852.242 2  ? ? ? ? 
2 water   nat water                                  18.015   51 ? ? ? ? 
# 
_entity_poly.entity_id                      1 
_entity_poly.type                           polydeoxyribonucleotide 
_entity_poly.nstd_linkage                   no 
_entity_poly.nstd_monomer                   yes 
_entity_poly.pdbx_seq_one_letter_code       '(DC)(DG)(DC)(DG)(C46)(DG)' 
_entity_poly.pdbx_seq_one_letter_code_can   CGCGCG 
_entity_poly.pdbx_strand_id                 A,B 
_entity_poly.pdbx_target_identifier         ? 
# 
_pdbx_entity_nonpoly.entity_id   2 
_pdbx_entity_nonpoly.name        water 
_pdbx_entity_nonpoly.comp_id     HOH 
# 
loop_
_entity_poly_seq.entity_id 
_entity_poly_seq.num 
_entity_poly_seq.mon_id 
_entity_poly_seq.hetero 
1 1 DC  n 
1 2 DG  n 
1 3 DC  n 
1 4 DG  n 
1 5 C46 n 
1 6 DG  n 
# 
loop_
_chem_comp.id 
_chem_comp.type 
_chem_comp.mon_nstd_flag 
_chem_comp.name 
_chem_comp.pdbx_synonyms 
_chem_comp.formula 
_chem_comp.formula_weight 
C46 'DNA linking' n "6H,8H-3,4-DIHYDROPYRIMIDO[4,5-C][1,2]OXAZIN-7-0NE(CYTIDINE)-5'-MONOPHOSPHATE" ? 'C11 H16 N3 O8 P' 349.234 
DC  'DNA linking' y "2'-DEOXYCYTIDINE-5'-MONOPHOSPHATE"                                            ? 'C9 H14 N3 O7 P'  307.197 
DG  'DNA linking' y "2'-DEOXYGUANOSINE-5'-MONOPHOSPHATE"                                           ? 'C10 H14 N5 O7 P' 347.221 
HOH non-polymer   . WATER                                                                          ? 'H2 O'            18.015  
# 
loop_
_pdbx_poly_seq_scheme.asym_id 
_pdbx_poly_seq_scheme.entity_id 
_pdbx_poly_seq_scheme.seq_id 
_pdbx_poly_seq_scheme.mon_id 
_pdbx_poly_seq_scheme.ndb_seq_num 
_pdbx_poly_seq_scheme.pdb_seq_num 
_pdbx_poly_seq_scheme.auth_seq_num 
_pdbx_poly_seq_scheme.pdb_mon_id 
_pdbx_poly_seq_scheme.auth_mon_id 
_pdbx_poly_seq_scheme.pdb_strand_id 
_pdbx_poly_seq_scheme.pdb_ins_code 
_pdbx_poly_seq_scheme.hetero 
A 1 1 DC  1 1  1  DC  C  A . n 
A 1 2 DG  2 2  2  DG  G  A . n 
A 1 3 DC  3 3  3  DC  C  A . n 
A 1 4 DG  4 4  4  DG  G  A . n 
A 1 5 C46 5 5  5  C46 +C A . n 
A 1 6 DG  6 6  6  DG  G  A . n 
B 1 1 DC  1 7  7  DC  C  B . n 
B 1 2 DG  2 8  8  DG  G  B . n 
B 1 3 DC  3 9  9  DC  C  B . n 
B 1 4 DG  4 10 10 DG  G  B . n 
B 1 5 C46 5 11 11 C46 +C B . n 
B 1 6 DG  6 12 12 DG  G  B . n 
# 
loop_
_pdbx_nonpoly_scheme.asym_id 
_pdbx_nonpoly_scheme.entity_id 
_pdbx_nonpoly_scheme.mon_id 
_pdbx_nonpoly_scheme.ndb_seq_num 
_pdbx_nonpoly_scheme.pdb_seq_num 
_pdbx_nonpoly_scheme.auth_seq_num 
_pdbx_nonpoly_scheme.pdb_mon_id 
_pdbx_nonpoly_scheme.auth_mon_id 
_pdbx_nonpoly_scheme.pdb_strand_id 
_pdbx_nonpoly_scheme.pdb_ins_code 
C 2 HOH 1  13 13 HOH HOH A . 
C 2 HOH 2  15 15 HOH HOH A . 
C 2 HOH 3  18 18 HOH HOH A . 
C 2 HOH 4  20 20 HOH HOH A . 
C 2 HOH 5  21 21 HOH HOH A . 
C 2 HOH 6  30 30 HOH HOH A . 
C 2 HOH 7  31 31 HOH HOH A . 
C 2 HOH 8  32 32 HOH HOH A . 
C 2 HOH 9  33 33 HOH HOH A . 
C 2 HOH 10 34 34 HOH HOH A . 
C 2 HOH 11 36 36 HOH HOH A . 
C 2 HOH 12 41 41 HOH HOH A . 
C 2 HOH 13 45 45 HOH HOH A . 
C 2 HOH 14 46 46 HOH HOH A . 
C 2 HOH 15 50 50 HOH HOH A . 
C 2 HOH 16 52 52 HOH HOH A . 
C 2 HOH 17 53 53 HOH HOH A . 
C 2 HOH 18 55 55 HOH HOH A . 
C 2 HOH 19 56 56 HOH HOH A . 
C 2 HOH 20 58 58 HOH HOH A . 
C 2 HOH 21 59 59 HOH HOH A . 
C 2 HOH 22 60 60 HOH HOH A . 
C 2 HOH 23 63 63 HOH HOH A . 
D 2 HOH 1  14 14 HOH HOH B . 
D 2 HOH 2  16 16 HOH HOH B . 
D 2 HOH 3  17 17 HOH HOH B . 
D 2 HOH 4  19 19 HOH HOH B . 
D 2 HOH 5  22 22 HOH HOH B . 
D 2 HOH 6  23 23 HOH HOH B . 
D 2 HOH 7  24 24 HOH HOH B . 
D 2 HOH 8  25 25 HOH HOH B . 
D 2 HOH 9  26 26 HOH HOH B . 
D 2 HOH 10 27 27 HOH HOH B . 
D 2 HOH 11 28 28 HOH HOH B . 
D 2 HOH 12 29 29 HOH HOH B . 
D 2 HOH 13 35 35 HOH HOH B . 
D 2 HOH 14 37 37 HOH HOH B . 
D 2 HOH 15 38 38 HOH HOH B . 
D 2 HOH 16 39 39 HOH HOH B . 
D 2 HOH 17 40 40 HOH HOH B . 
D 2 HOH 18 42 42 HOH HOH B . 
D 2 HOH 19 43 43 HOH HOH B . 
D 2 HOH 20 44 44 HOH HOH B . 
D 2 HOH 21 47 47 HOH HOH B . 
D 2 HOH 22 48 48 HOH HOH B . 
D 2 HOH 23 49 49 HOH HOH B . 
D 2 HOH 24 51 51 HOH HOH B . 
D 2 HOH 25 54 54 HOH HOH B . 
D 2 HOH 26 57 57 HOH HOH B . 
D 2 HOH 27 61 61 HOH HOH B . 
D 2 HOH 28 62 62 HOH HOH B . 
# 
loop_
_software.name 
_software.classification 
_software.version 
_software.citation_id 
_software.pdbx_ordinal 
MERLOT phasing    . ? 1 
NUCLSQ refinement . ? 2 
# 
_cell.entry_id           223D 
_cell.length_a           18.230 
_cell.length_b           30.630 
_cell.length_c           43.780 
_cell.angle_alpha        90.00 
_cell.angle_beta         90.00 
_cell.angle_gamma        90.00 
_cell.Z_PDB              8 
_cell.pdbx_unique_axis   ? 
# 
_symmetry.entry_id                         223D 
_symmetry.space_group_name_H-M             'P 21 21 21' 
_symmetry.pdbx_full_space_group_name_H-M   ? 
_symmetry.cell_setting                     ? 
_symmetry.Int_Tables_number                19 
# 
_exptl.entry_id          223D 
_exptl.method            'X-RAY DIFFRACTION' 
_exptl.crystals_number   ? 
# 
_exptl_crystal.id                    1 
_exptl_crystal.density_meas          ? 
_exptl_crystal.density_Matthews      1.65 
_exptl_crystal.density_percent_sol   25.44 
_exptl_crystal.description           ? 
# 
_exptl_crystal_grow.crystal_id      1 
_exptl_crystal_grow.method          'VAPOR DIFFUSION' 
_exptl_crystal_grow.temp            277.00 
_exptl_crystal_grow.temp_details    ? 
_exptl_crystal_grow.pH              6.50 
_exptl_crystal_grow.pdbx_details    'pH 6.50, VAPOR DIFFUSION, temperature 277.00K' 
_exptl_crystal_grow.pdbx_pH_range   ? 
# 
loop_
_exptl_crystal_grow_comp.crystal_id 
_exptl_crystal_grow_comp.id 
_exptl_crystal_grow_comp.sol_id 
_exptl_crystal_grow_comp.name 
_exptl_crystal_grow_comp.volume 
_exptl_crystal_grow_comp.conc 
_exptl_crystal_grow_comp.details 
1 1 1 WATER           ? ? ? 
1 2 1 'NA CACODYLATE' ? ? ? 
1 3 1 MGCL2           ? ? ? 
1 4 2 WATER           ? ? ? 
1 5 2 MPD             ? ? ? 
# 
_diffrn.id                     1 
_diffrn.ambient_temp           292.00 
_diffrn.ambient_temp_details   ? 
_diffrn.crystal_id             1 
# 
_diffrn_detector.diffrn_id              1 
_diffrn_detector.detector               DIFFRACTOMETER 
_diffrn_detector.type                   'RIGAKU AFC-5R' 
_diffrn_detector.pdbx_collection_date   ? 
_diffrn_detector.details                ? 
# 
_diffrn_radiation.diffrn_id                        1 
_diffrn_radiation.wavelength_id                    1 
_diffrn_radiation.pdbx_monochromatic_or_laue_m_l   ? 
_diffrn_radiation.monochromator                    ? 
_diffrn_radiation.pdbx_diffrn_protocol             ? 
_diffrn_radiation.pdbx_scattering_type             x-ray 
# 
_diffrn_radiation_wavelength.id           1 
_diffrn_radiation_wavelength.wavelength   . 
_diffrn_radiation_wavelength.wt           1.0 
# 
_diffrn_source.diffrn_id                   1 
_diffrn_source.source                      'ROTATING ANODE' 
_diffrn_source.type                        'RIGAKU RU200' 
_diffrn_source.pdbx_synchrotron_site       ? 
_diffrn_source.pdbx_synchrotron_beamline   ? 
_diffrn_source.pdbx_wavelength             ? 
_diffrn_source.pdbx_wavelength_list        ? 
# 
_refine.entry_id                                 223D 
_refine.ls_number_reflns_obs                     2798 
_refine.ls_number_reflns_all                     ? 
_refine.pdbx_ls_sigma_I                          ? 
_refine.pdbx_ls_sigma_F                          4.000 
_refine.pdbx_data_cutoff_high_absF               ? 
_refine.pdbx_data_cutoff_low_absF                ? 
_refine.pdbx_data_cutoff_high_rms_absF           ? 
_refine.ls_d_res_low                             8.000 
_refine.ls_d_res_high                            1.700 
_refine.ls_percent_reflns_obs                    100.000 
_refine.ls_R_factor_obs                          0.179 
_refine.ls_R_factor_all                          ? 
_refine.ls_R_factor_R_work                       ? 
_refine.ls_R_factor_R_free                       ? 
_refine.ls_R_factor_R_free_error                 ? 
_refine.ls_R_factor_R_free_error_details         ? 
_refine.ls_percent_reflns_R_free                 ? 
_refine.ls_number_reflns_R_free                  ? 
_refine.ls_number_parameters                     ? 
_refine.ls_number_restraints                     ? 
_refine.occupancy_min                            ? 
_refine.occupancy_max                            ? 
_refine.B_iso_mean                               ? 
_refine.aniso_B[1][1]                            ? 
_refine.aniso_B[2][2]                            ? 
_refine.aniso_B[3][3]                            ? 
_refine.aniso_B[1][2]                            ? 
_refine.aniso_B[1][3]                            ? 
_refine.aniso_B[2][3]                            ? 
_refine.solvent_model_details                    ? 
_refine.solvent_model_param_ksol                 ? 
_refine.solvent_model_param_bsol                 ? 
_refine.pdbx_ls_cross_valid_method               ? 
_refine.details                                  ? 
_refine.pdbx_starting_model                      ZDF002 
_refine.pdbx_method_to_determine_struct          'MOLECULAR REPLACEMENT' 
_refine.pdbx_isotropic_thermal_model             ? 
_refine.pdbx_stereochemistry_target_values       ? 
_refine.pdbx_stereochem_target_val_spec_case     ? 
_refine.pdbx_R_Free_selection_details            ? 
_refine.pdbx_overall_ESU_R                       ? 
_refine.pdbx_overall_ESU_R_Free                  ? 
_refine.overall_SU_ML                            ? 
_refine.overall_SU_B                             ? 
_refine.pdbx_refine_id                           'X-RAY DIFFRACTION' 
_refine.pdbx_diffrn_id                           1 
_refine.pdbx_TLS_residual_ADP_flag               ? 
_refine.correlation_coeff_Fo_to_Fc               ? 
_refine.correlation_coeff_Fo_to_Fc_free          ? 
_refine.pdbx_solvent_vdw_probe_radii             ? 
_refine.pdbx_solvent_ion_probe_radii             ? 
_refine.pdbx_solvent_shrinkage_radii             ? 
_refine.pdbx_overall_phase_error                 ? 
_refine.overall_SU_R_Cruickshank_DPI             ? 
_refine.pdbx_overall_SU_R_free_Cruickshank_DPI   ? 
_refine.pdbx_overall_SU_R_Blow_DPI               ? 
_refine.pdbx_overall_SU_R_free_Blow_DPI          ? 
# 
_refine_hist.pdbx_refine_id                   'X-RAY DIFFRACTION' 
_refine_hist.cycle_id                         LAST 
_refine_hist.pdbx_number_atoms_protein        0 
_refine_hist.pdbx_number_atoms_nucleic_acid   240 
_refine_hist.pdbx_number_atoms_ligand         6 
_refine_hist.number_atoms_solvent             51 
_refine_hist.number_atoms_total               297 
_refine_hist.d_res_high                       1.700 
_refine_hist.d_res_low                        8.000 
# 
loop_
_refine_ls_restr.type 
_refine_ls_restr.dev_ideal 
_refine_ls_restr.dev_ideal_target 
_refine_ls_restr.weight 
_refine_ls_restr.number 
_refine_ls_restr.pdbx_refine_id 
_refine_ls_restr.pdbx_restraint_function 
n_bond_d               ?      ?     ? ? 'X-RAY DIFFRACTION' ? 
n_angle_d              ?      ?     ? ? 'X-RAY DIFFRACTION' ? 
n_planar_d             ?      ?     ? ? 'X-RAY DIFFRACTION' ? 
n_hb_or_metal_coord    ?      ?     ? ? 'X-RAY DIFFRACTION' ? 
n_sugar_bond_it        4.790  7.500 ? ? 'X-RAY DIFFRACTION' ? 
n_sugar_angle_it       5.740  7.500 ? ? 'X-RAY DIFFRACTION' ? 
n_phos_bond_it         10.380 7.500 ? ? 'X-RAY DIFFRACTION' ? 
n_phos_angle_it        7.710  7.500 ? ? 'X-RAY DIFFRACTION' ? 
n_bond_angle_restr     ?      ?     ? ? 'X-RAY DIFFRACTION' ? 
n_dihedral_angle_restr ?      ?     ? ? 'X-RAY DIFFRACTION' ? 
n_impr_tor             ?      ?     ? ? 'X-RAY DIFFRACTION' ? 
n_sugar_bond_d         0.041  0.025 ? ? 'X-RAY DIFFRACTION' ? 
n_sugar_bond_angle_d   0.076  0.050 ? ? 'X-RAY DIFFRACTION' ? 
n_phos_bond_d          0.071  0.025 ? ? 'X-RAY DIFFRACTION' ? 
n_phos_bond_angle_d    0.048  0.025 ? ? 'X-RAY DIFFRACTION' ? 
n_plane_restr          0.044  0.030 ? ? 'X-RAY DIFFRACTION' ? 
n_chiral_restr         0.138  0.100 ? ? 'X-RAY DIFFRACTION' ? 
n_singtor_nbd          0.145  0.063 ? ? 'X-RAY DIFFRACTION' ? 
n_multtor_nbd          0.278  0.063 ? ? 'X-RAY DIFFRACTION' ? 
n_xhyhbond_nbd         ?      ?     ? ? 'X-RAY DIFFRACTION' ? 
# 
_struct.entry_id                  223D 
_struct.title                     
;DIRECT OBSERVATION OF TWO BASE-PAIRING MODES OF A CYTOSINE-THYMINE ANALOGUE WITH GUANINE IN A DNA Z-FORM DUPLEX: SIGNIFICANCE FOR BASE ANALOGUE MUTAGENESIS
;
_struct.pdbx_model_details        ? 
_struct.pdbx_CASP_flag            ? 
_struct.pdbx_model_type_details   ? 
# 
_struct_keywords.entry_id        223D 
_struct_keywords.pdbx_keywords   DNA 
_struct_keywords.text            'Z-DNA, DOUBLE HELIX, MODIFIED, DNA' 
# 
loop_
_struct_asym.id 
_struct_asym.pdbx_blank_PDB_chainid_flag 
_struct_asym.pdbx_modified 
_struct_asym.entity_id 
_struct_asym.details 
A N N 1 ? 
B N N 1 ? 
C N N 2 ? 
D N N 2 ? 
# 
_struct_ref.id                         1 
_struct_ref.entity_id                  1 
_struct_ref.db_name                    PDB 
_struct_ref.db_code                    223D 
_struct_ref.pdbx_db_accession          223D 
_struct_ref.pdbx_db_isoform            ? 
_struct_ref.pdbx_seq_one_letter_code   ? 
_struct_ref.pdbx_align_begin           ? 
# 
loop_
_struct_ref_seq.align_id 
_struct_ref_seq.ref_id 
_struct_ref_seq.pdbx_PDB_id_code 
_struct_ref_seq.pdbx_strand_id 
_struct_ref_seq.seq_align_beg 
_struct_ref_seq.pdbx_seq_align_beg_ins_code 
_struct_ref_seq.seq_align_end 
_struct_ref_seq.pdbx_seq_align_end_ins_code 
_struct_ref_seq.pdbx_db_accession 
_struct_ref_seq.db_align_beg 
_struct_ref_seq.pdbx_db_align_beg_ins_code 
_struct_ref_seq.db_align_end 
_struct_ref_seq.pdbx_db_align_end_ins_code 
_struct_ref_seq.pdbx_auth_seq_align_beg 
_struct_ref_seq.pdbx_auth_seq_align_end 
1 1 223D A 1 ? 6 ? 223D 1 ? 6  ? 1 6  
2 1 223D B 1 ? 6 ? 223D 7 ? 12 ? 7 12 
# 
_pdbx_struct_assembly.id                   1 
_pdbx_struct_assembly.details              author_defined_assembly 
_pdbx_struct_assembly.method_details       ? 
_pdbx_struct_assembly.oligomeric_details   dimeric 
_pdbx_struct_assembly.oligomeric_count     2 
# 
_pdbx_struct_assembly_gen.assembly_id       1 
_pdbx_struct_assembly_gen.oper_expression   1 
_pdbx_struct_assembly_gen.asym_id_list      A,B,C,D 
# 
_pdbx_struct_oper_list.id                   1 
_pdbx_struct_oper_list.type                 'identity operation' 
_pdbx_struct_oper_list.name                 1_555 
_pdbx_struct_oper_list.symmetry_operation   x,y,z 
_pdbx_struct_oper_list.matrix[1][1]         1.0000000000 
_pdbx_struct_oper_list.matrix[1][2]         0.0000000000 
_pdbx_struct_oper_list.matrix[1][3]         0.0000000000 
_pdbx_struct_oper_list.vector[1]            0.0000000000 
_pdbx_struct_oper_list.matrix[2][1]         0.0000000000 
_pdbx_struct_oper_list.matrix[2][2]         1.0000000000 
_pdbx_struct_oper_list.matrix[2][3]         0.0000000000 
_pdbx_struct_oper_list.vector[2]            0.0000000000 
_pdbx_struct_oper_list.matrix[3][1]         0.0000000000 
_pdbx_struct_oper_list.matrix[3][2]         0.0000000000 
_pdbx_struct_oper_list.matrix[3][3]         1.0000000000 
_pdbx_struct_oper_list.vector[3]            0.0000000000 
# 
_struct_biol.id   1 
# 
loop_
_struct_conn.id 
_struct_conn.conn_type_id 
_struct_conn.pdbx_leaving_atom_flag 
_struct_conn.pdbx_PDB_id 
_struct_conn.ptnr1_label_asym_id 
_struct_conn.ptnr1_label_comp_id 
_struct_conn.ptnr1_label_seq_id 
_struct_conn.ptnr1_label_atom_id 
_struct_conn.pdbx_ptnr1_label_alt_id 
_struct_conn.pdbx_ptnr1_PDB_ins_code 
_struct_conn.pdbx_ptnr1_standard_comp_id 
_struct_conn.ptnr1_symmetry 
_struct_conn.ptnr2_label_asym_id 
_struct_conn.ptnr2_label_comp_id 
_struct_conn.ptnr2_label_seq_id 
_struct_conn.ptnr2_label_atom_id 
_struct_conn.pdbx_ptnr2_label_alt_id 
_struct_conn.pdbx_ptnr2_PDB_ins_code 
_struct_conn.ptnr1_auth_asym_id 
_struct_conn.ptnr1_auth_comp_id 
_struct_conn.ptnr1_auth_seq_id 
_struct_conn.ptnr2_auth_asym_id 
_struct_conn.ptnr2_auth_comp_id 
_struct_conn.ptnr2_auth_seq_id 
_struct_conn.ptnr2_symmetry 
_struct_conn.pdbx_ptnr3_label_atom_id 
_struct_conn.pdbx_ptnr3_label_seq_id 
_struct_conn.pdbx_ptnr3_label_comp_id 
_struct_conn.pdbx_ptnr3_label_asym_id 
_struct_conn.pdbx_ptnr3_label_alt_id 
_struct_conn.pdbx_ptnr3_PDB_ins_code 
_struct_conn.details 
_struct_conn.pdbx_dist_value 
_struct_conn.pdbx_value_order 
_struct_conn.pdbx_role 
covale1  covale both ? A DG  4 "O3'" ? ? ? 1_555 A C46 5 P  ? ? A DG  4  A C46 5  1_555 ? ? ? ? ? ? ?             1.577 ? ? 
covale2  covale one  ? A C46 5 "O3'" ? ? ? 1_555 A DG  6 P  ? ? A C46 5  A DG  6  1_555 ? ? ? ? ? ? ?             1.590 ? ? 
covale3  covale both ? B DG  4 "O3'" ? ? ? 1_555 B C46 5 P  ? ? B DG  10 B C46 11 1_555 ? ? ? ? ? ? ?             1.595 ? ? 
covale4  covale one  ? B C46 5 "O3'" ? ? ? 1_555 B DG  6 P  ? ? B C46 11 B DG  12 1_555 ? ? ? ? ? ? ?             1.584 ? ? 
hydrog1  hydrog ?    ? A DC  1 N3    ? ? ? 1_555 B DG  6 N1 ? ? A DC  1  B DG  12 1_555 ? ? ? ? ? ? WATSON-CRICK  ?     ? ? 
hydrog2  hydrog ?    ? A DC  1 N4    ? ? ? 1_555 B DG  6 O6 ? ? A DC  1  B DG  12 1_555 ? ? ? ? ? ? WATSON-CRICK  ?     ? ? 
hydrog3  hydrog ?    ? A DC  1 O2    ? ? ? 1_555 B DG  6 N2 ? ? A DC  1  B DG  12 1_555 ? ? ? ? ? ? WATSON-CRICK  ?     ? ? 
hydrog4  hydrog ?    ? A DG  2 N1    ? ? ? 1_555 B C46 5 O2 ? ? A DG  2  B C46 11 1_555 ? ? ? ? ? ? 'DG-C46 PAIR' ?     ? ? 
hydrog5  hydrog ?    ? A DC  3 N3    ? ? ? 1_555 B DG  4 N1 ? ? A DC  3  B DG  10 1_555 ? ? ? ? ? ? WATSON-CRICK  ?     ? ? 
hydrog6  hydrog ?    ? A DC  3 N4    ? ? ? 1_555 B DG  4 O6 ? ? A DC  3  B DG  10 1_555 ? ? ? ? ? ? WATSON-CRICK  ?     ? ? 
hydrog7  hydrog ?    ? A DC  3 O2    ? ? ? 1_555 B DG  4 N2 ? ? A DC  3  B DG  10 1_555 ? ? ? ? ? ? WATSON-CRICK  ?     ? ? 
hydrog8  hydrog ?    ? A DG  4 N1    ? ? ? 1_555 B DC  3 N3 ? ? A DG  4  B DC  9  1_555 ? ? ? ? ? ? WATSON-CRICK  ?     ? ? 
hydrog9  hydrog ?    ? A DG  4 N2    ? ? ? 1_555 B DC  3 O2 ? ? A DG  4  B DC  9  1_555 ? ? ? ? ? ? WATSON-CRICK  ?     ? ? 
hydrog10 hydrog ?    ? A DG  4 O6    ? ? ? 1_555 B DC  3 N4 ? ? A DG  4  B DC  9  1_555 ? ? ? ? ? ? WATSON-CRICK  ?     ? ? 
hydrog11 hydrog ?    ? A C46 5 N3    ? ? ? 1_555 B DG  2 N1 ? ? A C46 5  B DG  8  1_555 ? ? ? ? ? ? WATSON-CRICK  ?     ? ? 
hydrog12 hydrog ?    ? A C46 5 N4    ? ? ? 1_555 B DG  2 O6 ? ? A C46 5  B DG  8  1_555 ? ? ? ? ? ? WATSON-CRICK  ?     ? ? 
hydrog13 hydrog ?    ? A C46 5 O2    ? ? ? 1_555 B DG  2 N2 ? ? A C46 5  B DG  8  1_555 ? ? ? ? ? ? WATSON-CRICK  ?     ? ? 
hydrog14 hydrog ?    ? A DG  6 N1    ? ? ? 1_555 B DC  1 N3 ? ? A DG  6  B DC  7  1_555 ? ? ? ? ? ? WATSON-CRICK  ?     ? ? 
hydrog15 hydrog ?    ? A DG  6 N2    ? ? ? 1_555 B DC  1 O2 ? ? A DG  6  B DC  7  1_555 ? ? ? ? ? ? WATSON-CRICK  ?     ? ? 
hydrog16 hydrog ?    ? A DG  6 O6    ? ? ? 1_555 B DC  1 N4 ? ? A DG  6  B DC  7  1_555 ? ? ? ? ? ? WATSON-CRICK  ?     ? ? 
# 
loop_
_struct_conn_type.id 
_struct_conn_type.criteria 
_struct_conn_type.reference 
covale ? ? 
hydrog ? ? 
# 
loop_
_pdbx_validate_rmsd_bond.id 
_pdbx_validate_rmsd_bond.PDB_model_num 
_pdbx_validate_rmsd_bond.auth_atom_id_1 
_pdbx_validate_rmsd_bond.auth_asym_id_1 
_pdbx_validate_rmsd_bond.auth_comp_id_1 
_pdbx_validate_rmsd_bond.auth_seq_id_1 
_pdbx_validate_rmsd_bond.PDB_ins_code_1 
_pdbx_validate_rmsd_bond.label_alt_id_1 
_pdbx_validate_rmsd_bond.auth_atom_id_2 
_pdbx_validate_rmsd_bond.auth_asym_id_2 
_pdbx_validate_rmsd_bond.auth_comp_id_2 
_pdbx_validate_rmsd_bond.auth_seq_id_2 
_pdbx_validate_rmsd_bond.PDB_ins_code_2 
_pdbx_validate_rmsd_bond.label_alt_id_2 
_pdbx_validate_rmsd_bond.bond_value 
_pdbx_validate_rmsd_bond.bond_target_value 
_pdbx_validate_rmsd_bond.bond_deviation 
_pdbx_validate_rmsd_bond.bond_standard_deviation 
_pdbx_validate_rmsd_bond.linker_flag 
1  1 "O4'" A DC 1  ? ? "C4'" A DC 1  ? ? 1.345 1.446 -0.101 0.010 N 
2  1 N3    A DC 1  ? ? C4    A DC 1  ? ? 1.400 1.335 0.065  0.007 N 
3  1 "O3'" A DC 1  ? ? P     A DG 2  ? ? 1.680 1.607 0.073  0.012 Y 
4  1 P     A DG 2  ? ? "O5'" A DG 2  ? ? 1.693 1.593 0.100  0.010 N 
5  1 "C4'" A DG 2  ? ? "C3'" A DG 2  ? ? 1.597 1.529 0.068  0.010 N 
6  1 "O4'" A DG 2  ? ? "C4'" A DG 2  ? ? 1.351 1.446 -0.095 0.010 N 
7  1 C2    A DG 2  ? ? N2    A DG 2  ? ? 1.414 1.341 0.073  0.010 N 
8  1 "C3'" A DC 3  ? ? "C2'" A DC 3  ? ? 1.599 1.518 0.081  0.012 N 
9  1 C4    A DC 3  ? ? C5    A DC 3  ? ? 1.376 1.425 -0.049 0.008 N 
10 1 P     A DG 4  ? ? "O5'" A DG 4  ? ? 1.660 1.593 0.067  0.010 N 
11 1 "O3'" A DG 4  ? ? "C3'" A DG 4  ? ? 1.383 1.419 -0.036 0.006 N 
12 1 C2    A DG 4  ? ? N3    A DG 4  ? ? 1.390 1.323 0.067  0.008 N 
13 1 N9    A DG 4  ? ? C4    A DG 4  ? ? 1.427 1.375 0.052  0.008 N 
14 1 P     A DG 6  ? ? "O5'" A DG 6  ? ? 1.663 1.593 0.070  0.010 N 
15 1 "C3'" B DC 7  ? ? "C2'" B DC 7  ? ? 1.690 1.518 0.172  0.012 N 
16 1 "O3'" B DC 7  ? ? "C3'" B DC 7  ? ? 1.371 1.419 -0.048 0.006 N 
17 1 C4    B DC 7  ? ? C5    B DC 7  ? ? 1.480 1.425 0.055  0.008 N 
18 1 "O3'" B DC 7  ? ? P     B DG 8  ? ? 1.717 1.607 0.110  0.012 Y 
19 1 P     B DG 8  ? ? OP2   B DG 8  ? ? 1.365 1.485 -0.120 0.017 N 
20 1 P     B DG 8  ? ? "O5'" B DG 8  ? ? 1.710 1.593 0.117  0.010 N 
21 1 "C4'" B DG 8  ? ? "C3'" B DG 8  ? ? 1.591 1.529 0.062  0.010 N 
22 1 "C3'" B DG 8  ? ? "C2'" B DG 8  ? ? 1.422 1.516 -0.094 0.008 N 
23 1 "C2'" B DG 8  ? ? "C1'" B DG 8  ? ? 1.441 1.518 -0.077 0.010 N 
24 1 "O4'" B DG 8  ? ? "C4'" B DG 8  ? ? 1.335 1.446 -0.111 0.010 N 
25 1 C2    B DG 8  ? ? N3    B DG 8  ? ? 1.391 1.323 0.068  0.008 N 
26 1 C6    B DG 8  ? ? N1    B DG 8  ? ? 1.330 1.391 -0.061 0.007 N 
27 1 C5    B DG 8  ? ? N7    B DG 8  ? ? 1.428 1.388 0.040  0.006 N 
28 1 C8    B DG 8  ? ? N9    B DG 8  ? ? 1.329 1.374 -0.045 0.007 N 
29 1 N9    B DG 8  ? ? C4    B DG 8  ? ? 1.436 1.375 0.061  0.008 N 
30 1 P     B DC 9  ? ? "O5'" B DC 9  ? ? 1.676 1.593 0.083  0.010 N 
31 1 "O4'" B DC 9  ? ? "C4'" B DC 9  ? ? 1.362 1.446 -0.084 0.010 N 
32 1 C2    B DC 9  ? ? N3    B DC 9  ? ? 1.280 1.353 -0.073 0.008 N 
33 1 P     B DG 10 ? ? "O5'" B DG 10 ? ? 1.663 1.593 0.070  0.010 N 
34 1 "O4'" B DG 10 ? ? "C4'" B DG 10 ? ? 1.360 1.446 -0.086 0.010 N 
35 1 "O3'" B DG 10 ? ? "C3'" B DG 10 ? ? 1.354 1.419 -0.065 0.006 N 
36 1 N3    B DG 10 ? ? C4    B DG 10 ? ? 1.400 1.350 0.050  0.007 N 
37 1 N7    B DG 10 ? ? C8    B DG 10 ? ? 1.348 1.305 0.043  0.006 N 
38 1 C6    B DG 10 ? ? O6    B DG 10 ? ? 1.300 1.237 0.063  0.009 N 
39 1 "O4'" B DG 12 ? ? "C4'" B DG 12 ? ? 1.351 1.446 -0.095 0.010 N 
40 1 N9    B DG 12 ? ? C4    B DG 12 ? ? 1.430 1.375 0.055  0.008 N 
# 
loop_
_pdbx_validate_rmsd_angle.id 
_pdbx_validate_rmsd_angle.PDB_model_num 
_pdbx_validate_rmsd_angle.auth_atom_id_1 
_pdbx_validate_rmsd_angle.auth_asym_id_1 
_pdbx_validate_rmsd_angle.auth_comp_id_1 
_pdbx_validate_rmsd_angle.auth_seq_id_1 
_pdbx_validate_rmsd_angle.PDB_ins_code_1 
_pdbx_validate_rmsd_angle.label_alt_id_1 
_pdbx_validate_rmsd_angle.auth_atom_id_2 
_pdbx_validate_rmsd_angle.auth_asym_id_2 
_pdbx_validate_rmsd_angle.auth_comp_id_2 
_pdbx_validate_rmsd_angle.auth_seq_id_2 
_pdbx_validate_rmsd_angle.PDB_ins_code_2 
_pdbx_validate_rmsd_angle.label_alt_id_2 
_pdbx_validate_rmsd_angle.auth_atom_id_3 
_pdbx_validate_rmsd_angle.auth_asym_id_3 
_pdbx_validate_rmsd_angle.auth_comp_id_3 
_pdbx_validate_rmsd_angle.auth_seq_id_3 
_pdbx_validate_rmsd_angle.PDB_ins_code_3 
_pdbx_validate_rmsd_angle.label_alt_id_3 
_pdbx_validate_rmsd_angle.angle_value 
_pdbx_validate_rmsd_angle.angle_target_value 
_pdbx_validate_rmsd_angle.angle_deviation 
_pdbx_validate_rmsd_angle.angle_standard_deviation 
_pdbx_validate_rmsd_angle.linker_flag 
1  1 "O5'" A DC  1  ? ? "C5'" A DC  1  ? ? "C4'" A DC  1  ? ? 98.09  109.40 -11.31 0.80 N 
2  1 "O4'" A DC  1  ? ? "C4'" A DC  1  ? ? "C3'" A DC  1  ? ? 99.42  104.50 -5.08  0.40 N 
3  1 "C5'" A DC  1  ? ? "C4'" A DC  1  ? ? "O4'" A DC  1  ? ? 128.39 109.80 18.59  1.10 N 
4  1 "C1'" A DC  1  ? ? "O4'" A DC  1  ? ? "C4'" A DC  1  ? ? 118.64 110.30 8.34   0.70 N 
5  1 "C3'" A DC  1  ? ? "C2'" A DC  1  ? ? "C1'" A DC  1  ? ? 95.28  102.40 -7.12  0.80 N 
6  1 N3    A DC  1  ? ? C4    A DC  1  ? ? C5    A DC  1  ? ? 118.70 121.90 -3.20  0.40 N 
7  1 C5    A DC  1  ? ? C6    A DC  1  ? ? N1    A DC  1  ? ? 124.06 121.00 3.06   0.50 N 
8  1 C5    A DC  1  ? ? C4    A DC  1  ? ? N4    A DC  1  ? ? 126.56 120.20 6.36   0.70 N 
9  1 OP1   A DG  2  ? ? P     A DG  2  ? ? OP2   A DG  2  ? ? 129.38 119.60 9.78   1.50 N 
10 1 "O5'" A DG  2  ? ? "C5'" A DG  2  ? ? "C4'" A DG  2  ? ? 99.54  109.40 -9.86  0.80 N 
11 1 "C5'" A DG  2  ? ? "C4'" A DG  2  ? ? "O4'" A DG  2  ? ? 116.62 109.80 6.82   1.10 N 
12 1 "O4'" A DG  2  ? ? "C1'" A DG  2  ? ? "C2'" A DG  2  ? ? 111.25 106.80 4.45   0.50 N 
13 1 C6    A DG  2  ? ? N1    A DG  2  ? ? C2    A DG  2  ? ? 120.43 125.10 -4.67  0.60 N 
14 1 N1    A DG  2  ? ? C2    A DG  2  ? ? N3    A DG  2  ? ? 128.46 123.90 4.56   0.60 N 
15 1 C2    A DG  2  ? ? N3    A DG  2  ? ? C4    A DG  2  ? ? 108.80 111.90 -3.10  0.50 N 
16 1 N3    A DG  2  ? ? C4    A DG  2  ? ? C5    A DG  2  ? ? 131.81 128.60 3.21   0.50 N 
17 1 C4    A DG  2  ? ? C5    A DG  2  ? ? C6    A DG  2  ? ? 113.74 118.80 -5.06  0.60 N 
18 1 C5    A DG  2  ? ? C6    A DG  2  ? ? N1    A DG  2  ? ? 116.35 111.50 4.85   0.50 N 
19 1 C4    A DG  2  ? ? C5    A DG  2  ? ? N7    A DG  2  ? ? 113.38 110.80 2.58   0.40 N 
20 1 N1    A DG  2  ? ? C2    A DG  2  ? ? N2    A DG  2  ? ? 103.59 116.20 -12.61 0.90 N 
21 1 N3    A DG  2  ? ? C2    A DG  2  ? ? N2    A DG  2  ? ? 127.54 119.90 7.64   0.70 N 
22 1 C5    A DG  2  ? ? C6    A DG  2  ? ? O6    A DG  2  ? ? 123.07 128.60 -5.53  0.60 N 
23 1 "O4'" A DC  3  ? ? "C4'" A DC  3  ? ? "C3'" A DC  3  ? ? 97.87  104.50 -6.63  0.40 N 
24 1 "C5'" A DC  3  ? ? "C4'" A DC  3  ? ? "O4'" A DC  3  ? ? 128.01 109.80 18.21  1.10 N 
25 1 "C1'" A DC  3  ? ? "O4'" A DC  3  ? ? "C4'" A DC  3  ? ? 119.29 110.30 8.99   0.70 N 
26 1 "C3'" A DC  3  ? ? "C2'" A DC  3  ? ? "C1'" A DC  3  ? ? 95.82  102.40 -6.58  0.80 N 
27 1 N1    A DC  3  ? ? C2    A DC  3  ? ? N3    A DC  3  ? ? 114.61 119.20 -4.59  0.70 N 
28 1 "O5'" A DG  4  ? ? "C5'" A DG  4  ? ? "C4'" A DG  4  ? ? 98.64  109.40 -10.76 0.80 N 
29 1 "O4'" A DG  4  ? ? "C4'" A DG  4  ? ? "C3'" A DG  4  ? ? 111.16 106.00 5.16   0.60 N 
30 1 "C1'" A DG  4  ? ? "O4'" A DG  4  ? ? "C4'" A DG  4  ? ? 101.03 110.10 -9.07  1.00 N 
31 1 "O4'" A DG  4  ? ? "C1'" A DG  4  ? ? "C2'" A DG  4  ? ? 111.07 106.80 4.27   0.50 N 
32 1 "O4'" A DG  4  ? ? "C1'" A DG  4  ? ? N9    A DG  4  ? ? 101.90 108.00 -6.10  0.70 N 
33 1 C6    A DG  4  ? ? N1    A DG  4  ? ? C2    A DG  4  ? ? 120.65 125.10 -4.45  0.60 N 
34 1 C5    A DG  4  ? ? C6    A DG  4  ? ? N1    A DG  4  ? ? 115.79 111.50 4.29   0.50 N 
35 1 "C3'" A DG  4  ? ? "O3'" A DG  4  ? ? P     A C46 5  ? ? 137.72 119.70 18.02  1.20 Y 
36 1 "C3'" A DG  6  ? ? "C2'" A DG  6  ? ? "C1'" A DG  6  ? ? 97.53  102.40 -4.87  0.80 N 
37 1 C5    A DG  6  ? ? C6    A DG  6  ? ? N1    A DG  6  ? ? 115.13 111.50 3.63   0.50 N 
38 1 N7    A DG  6  ? ? C8    A DG  6  ? ? N9    A DG  6  ? ? 116.49 113.10 3.39   0.50 N 
39 1 C8    A DG  6  ? ? N9    A DG  6  ? ? C4    A DG  6  ? ? 103.71 106.40 -2.69  0.40 N 
40 1 N3    A DG  6  ? ? C2    A DG  6  ? ? N2    A DG  6  ? ? 114.74 119.90 -5.16  0.70 N 
41 1 C5    A DG  6  ? ? C6    A DG  6  ? ? O6    A DG  6  ? ? 123.60 128.60 -5.00  0.60 N 
42 1 "O4'" B DC  7  ? ? "C4'" B DC  7  ? ? "C3'" B DC  7  ? ? 96.12  104.50 -8.38  0.40 N 
43 1 "C5'" B DC  7  ? ? "C4'" B DC  7  ? ? "C3'" B DC  7  ? ? 103.10 114.10 -11.00 1.80 N 
44 1 "C5'" B DC  7  ? ? "C4'" B DC  7  ? ? "O4'" B DC  7  ? ? 128.12 109.80 18.32  1.10 N 
45 1 "C1'" B DC  7  ? ? "O4'" B DC  7  ? ? "C4'" B DC  7  ? ? 124.15 110.30 13.85  0.70 N 
46 1 "C4'" B DC  7  ? ? "C3'" B DC  7  ? ? "O3'" B DC  7  ? ? 126.58 112.30 14.28  2.00 N 
47 1 "C4'" B DC  7  ? ? "C3'" B DC  7  ? ? "C2'" B DC  7  ? ? 96.35  102.20 -5.85  0.70 N 
48 1 "O4'" B DC  7  ? ? "C1'" B DC  7  ? ? "C2'" B DC  7  ? ? 95.27  105.90 -10.63 0.80 N 
49 1 "O4'" B DC  7  ? ? "C1'" B DC  7  ? ? N1    B DC  7  ? ? 110.90 108.30 2.60   0.30 N 
50 1 C4    B DC  7  ? ? C5    B DC  7  ? ? C6    B DC  7  ? ? 112.53 117.40 -4.87  0.50 N 
51 1 C5    B DC  7  ? ? C6    B DC  7  ? ? N1    B DC  7  ? ? 124.78 121.00 3.78   0.50 N 
52 1 OP1   B DG  8  ? ? P     B DG  8  ? ? OP2   B DG  8  ? ? 135.51 119.60 15.91  1.50 N 
53 1 "O5'" B DG  8  ? ? P     B DG  8  ? ? OP1   B DG  8  ? ? 100.21 105.70 -5.49  0.90 N 
54 1 "O5'" B DG  8  ? ? "C5'" B DG  8  ? ? "C4'" B DG  8  ? ? 97.86  109.40 -11.54 0.80 N 
55 1 "O4'" B DG  8  ? ? "C4'" B DG  8  ? ? "C3'" B DG  8  ? ? 111.59 106.00 5.59   0.60 N 
56 1 "C4'" B DG  8  ? ? "C3'" B DG  8  ? ? "C2'" B DG  8  ? ? 94.35  102.20 -7.85  0.70 N 
57 1 "C3'" B DG  8  ? ? "C2'" B DG  8  ? ? "C1'" B DG  8  ? ? 112.02 102.50 9.52   1.20 N 
58 1 C5    B DG  8  ? ? C6    B DG  8  ? ? N1    B DG  8  ? ? 115.40 111.50 3.90   0.50 N 
59 1 C5    B DG  8  ? ? N7    B DG  8  ? ? C8    B DG  8  ? ? 101.12 104.30 -3.18  0.50 N 
60 1 N7    B DG  8  ? ? C8    B DG  8  ? ? N9    B DG  8  ? ? 119.29 113.10 6.19   0.50 N 
61 1 C8    B DG  8  ? ? N9    B DG  8  ? ? C4    B DG  8  ? ? 103.66 106.40 -2.74  0.40 N 
62 1 N1    B DG  8  ? ? C2    B DG  8  ? ? N2    B DG  8  ? ? 122.65 116.20 6.45   0.90 N 
63 1 N3    B DG  8  ? ? C2    B DG  8  ? ? N2    B DG  8  ? ? 113.81 119.90 -6.09  0.70 N 
64 1 C5    B DG  8  ? ? C6    B DG  8  ? ? O6    B DG  8  ? ? 123.72 128.60 -4.88  0.60 N 
65 1 "C3'" B DG  8  ? ? "O3'" B DG  8  ? ? P     B DC  9  ? ? 127.28 119.70 7.58   1.20 Y 
66 1 "O3'" B DG  8  ? ? P     B DC  9  ? ? "O5'" B DC  9  ? ? 90.73  104.00 -13.27 1.90 Y 
67 1 "O3'" B DG  8  ? ? P     B DC  9  ? ? OP1   B DC  9  ? ? 119.53 110.50 9.03   1.10 Y 
68 1 "O5'" B DC  9  ? ? P     B DC  9  ? ? OP2   B DC  9  ? ? 120.82 110.70 10.12  1.20 N 
69 1 "C5'" B DC  9  ? ? "C4'" B DC  9  ? ? "C3'" B DC  9  ? ? 101.30 114.10 -12.80 1.80 N 
70 1 "C5'" B DC  9  ? ? "C4'" B DC  9  ? ? "O4'" B DC  9  ? ? 122.82 109.80 13.02  1.10 N 
71 1 "C3'" B DC  9  ? ? "C2'" B DC  9  ? ? "C1'" B DC  9  ? ? 95.82  102.40 -6.58  0.80 N 
72 1 "O4'" B DC  9  ? ? "C1'" B DC  9  ? ? "C2'" B DC  9  ? ? 110.16 106.80 3.36   0.50 N 
73 1 "O4'" B DC  9  ? ? "C1'" B DC  9  ? ? N1    B DC  9  ? ? 100.66 108.00 -7.34  0.70 N 
74 1 C2    B DC  9  ? ? N3    B DC  9  ? ? C4    B DC  9  ? ? 128.44 119.90 8.54   0.50 N 
75 1 N3    B DC  9  ? ? C4    B DC  9  ? ? C5    B DC  9  ? ? 115.27 121.90 -6.63  0.40 N 
76 1 N1    B DC  9  ? ? C2    B DC  9  ? ? O2    B DC  9  ? ? 112.34 118.90 -6.56  0.60 N 
77 1 N3    B DC  9  ? ? C2    B DC  9  ? ? O2    B DC  9  ? ? 129.80 121.90 7.90   0.70 N 
78 1 N3    B DC  9  ? ? C4    B DC  9  ? ? N4    B DC  9  ? ? 127.93 118.00 9.93   0.70 N 
79 1 "O5'" B DG  10 ? ? "C5'" B DG  10 ? ? "C4'" B DG  10 ? ? 103.08 109.40 -6.32  0.80 N 
80 1 "C5'" B DG  10 ? ? "C4'" B DG  10 ? ? "C3'" B DG  10 ? ? 98.95  114.10 -15.15 1.80 N 
81 1 "O4'" B DG  10 ? ? "C1'" B DG  10 ? ? "C2'" B DG  10 ? ? 113.19 106.80 6.39   0.50 N 
82 1 "O4'" B DG  10 ? ? "C1'" B DG  10 ? ? N9    B DG  10 ? ? 100.69 108.00 -7.31  0.70 N 
83 1 C6    B DG  10 ? ? N1    B DG  10 ? ? C2    B DG  10 ? ? 121.14 125.10 -3.96  0.60 N 
84 1 N1    B DG  10 ? ? C2    B DG  10 ? ? N3    B DG  10 ? ? 130.15 123.90 6.25   0.60 N 
85 1 C2    B DG  10 ? ? N3    B DG  10 ? ? C4    B DG  10 ? ? 105.65 111.90 -6.25  0.50 N 
86 1 C5    B DG  10 ? ? C6    B DG  10 ? ? N1    B DG  10 ? ? 116.81 111.50 5.31   0.50 N 
87 1 C5    B DG  10 ? ? N7    B DG  10 ? ? C8    B DG  10 ? ? 99.03  104.30 -5.27  0.50 N 
88 1 N3    B DG  10 ? ? C2    B DG  10 ? ? N2    B DG  10 ? ? 114.77 119.90 -5.13  0.70 N 
89 1 C5    B DG  10 ? ? C6    B DG  10 ? ? O6    B DG  10 ? ? 122.02 128.60 -6.58  0.60 N 
90 1 "C3'" B DG  10 ? ? "O3'" B DG  10 ? ? P     B C46 11 ? ? 130.17 119.70 10.47  1.20 Y 
91 1 "C3'" B C46 11 ? ? "O3'" B C46 11 ? ? P     B DG  12 ? ? 134.24 119.70 14.54  1.20 Y 
92 1 "O5'" B DG  12 ? ? "C5'" B DG  12 ? ? "C4'" B DG  12 ? ? 99.60  109.40 -9.80  0.80 N 
93 1 "O4'" B DG  12 ? ? "C4'" B DG  12 ? ? "C3'" B DG  12 ? ? 111.32 106.00 5.32   0.60 N 
94 1 "C5'" B DG  12 ? ? "C4'" B DG  12 ? ? "C3'" B DG  12 ? ? 103.20 114.10 -10.90 1.80 N 
95 1 N3    B DG  12 ? ? C4    B DG  12 ? ? C5    B DG  12 ? ? 124.42 128.60 -4.18  0.50 N 
96 1 C4    B DG  12 ? ? C5    B DG  12 ? ? N7    B DG  12 ? ? 107.55 110.80 -3.25  0.40 N 
97 1 N9    B DG  12 ? ? C4    B DG  12 ? ? C5    B DG  12 ? ? 107.82 105.40 2.42   0.40 N 
98 1 N1    B DG  12 ? ? C6    B DG  12 ? ? O6    B DG  12 ? ? 114.50 119.90 -5.40  0.60 N 
# 
loop_
_pdbx_struct_mod_residue.id 
_pdbx_struct_mod_residue.label_asym_id 
_pdbx_struct_mod_residue.label_comp_id 
_pdbx_struct_mod_residue.label_seq_id 
_pdbx_struct_mod_residue.auth_asym_id 
_pdbx_struct_mod_residue.auth_comp_id 
_pdbx_struct_mod_residue.auth_seq_id 
_pdbx_struct_mod_residue.PDB_ins_code 
_pdbx_struct_mod_residue.parent_comp_id 
_pdbx_struct_mod_residue.details 
1 A C46 5 A C46 5  ? DC ? 
2 B C46 5 B C46 11 ? DC ? 
# 
loop_
_chem_comp_atom.comp_id 
_chem_comp_atom.atom_id 
_chem_comp_atom.type_symbol 
_chem_comp_atom.pdbx_aromatic_flag 
_chem_comp_atom.pdbx_stereo_config 
_chem_comp_atom.pdbx_ordinal 
C46 P      P N N 1   
C46 O1P    O N N 2   
C46 O2P    O N N 3   
C46 O3P    O N N 4   
C46 "O5'"  O N N 5   
C46 "C5'"  C N N 6   
C46 "C4'"  C N R 7   
C46 "O4'"  O N N 8   
C46 "C3'"  C N S 9   
C46 "O3'"  O N N 10  
C46 "C2'"  C N N 11  
C46 "C1'"  C N R 12  
C46 N1     N N N 13  
C46 C2     C N N 14  
C46 O2     O N N 15  
C46 N3     N N N 16  
C46 C4     C N N 17  
C46 N4     N N N 18  
C46 C5     C N N 19  
C46 C6     C N N 20  
C46 CM5    C N N 21  
C46 O4     O N N 22  
C46 C7     C N N 23  
C46 H1P    H N N 24  
C46 H3P    H N N 25  
C46 "H5'1" H N N 26  
C46 "H5'2" H N N 27  
C46 "H4'"  H N N 28  
C46 "H3'"  H N N 29  
C46 HA     H N N 30  
C46 "H2'1" H N N 31  
C46 "H2'2" H N N 32  
C46 "H1'"  H N N 33  
C46 H4     H N N 34  
C46 H6     H N N 35  
C46 HM51   H N N 36  
C46 HM52   H N N 37  
C46 H7C1   H N N 38  
C46 H7C2   H N N 39  
DC  OP3    O N N 40  
DC  P      P N N 41  
DC  OP1    O N N 42  
DC  OP2    O N N 43  
DC  "O5'"  O N N 44  
DC  "C5'"  C N N 45  
DC  "C4'"  C N R 46  
DC  "O4'"  O N N 47  
DC  "C3'"  C N S 48  
DC  "O3'"  O N N 49  
DC  "C2'"  C N N 50  
DC  "C1'"  C N R 51  
DC  N1     N N N 52  
DC  C2     C N N 53  
DC  O2     O N N 54  
DC  N3     N N N 55  
DC  C4     C N N 56  
DC  N4     N N N 57  
DC  C5     C N N 58  
DC  C6     C N N 59  
DC  HOP3   H N N 60  
DC  HOP2   H N N 61  
DC  "H5'"  H N N 62  
DC  "H5''" H N N 63  
DC  "H4'"  H N N 64  
DC  "H3'"  H N N 65  
DC  "HO3'" H N N 66  
DC  "H2'"  H N N 67  
DC  "H2''" H N N 68  
DC  "H1'"  H N N 69  
DC  H41    H N N 70  
DC  H42    H N N 71  
DC  H5     H N N 72  
DC  H6     H N N 73  
DG  OP3    O N N 74  
DG  P      P N N 75  
DG  OP1    O N N 76  
DG  OP2    O N N 77  
DG  "O5'"  O N N 78  
DG  "C5'"  C N N 79  
DG  "C4'"  C N R 80  
DG  "O4'"  O N N 81  
DG  "C3'"  C N S 82  
DG  "O3'"  O N N 83  
DG  "C2'"  C N N 84  
DG  "C1'"  C N R 85  
DG  N9     N Y N 86  
DG  C8     C Y N 87  
DG  N7     N Y N 88  
DG  C5     C Y N 89  
DG  C6     C N N 90  
DG  O6     O N N 91  
DG  N1     N N N 92  
DG  C2     C N N 93  
DG  N2     N N N 94  
DG  N3     N N N 95  
DG  C4     C Y N 96  
DG  HOP3   H N N 97  
DG  HOP2   H N N 98  
DG  "H5'"  H N N 99  
DG  "H5''" H N N 100 
DG  "H4'"  H N N 101 
DG  "H3'"  H N N 102 
DG  "HO3'" H N N 103 
DG  "H2'"  H N N 104 
DG  "H2''" H N N 105 
DG  "H1'"  H N N 106 
DG  H8     H N N 107 
DG  H1     H N N 108 
DG  H21    H N N 109 
DG  H22    H N N 110 
HOH O      O N N 111 
HOH H1     H N N 112 
HOH H2     H N N 113 
# 
loop_
_chem_comp_bond.comp_id 
_chem_comp_bond.atom_id_1 
_chem_comp_bond.atom_id_2 
_chem_comp_bond.value_order 
_chem_comp_bond.pdbx_aromatic_flag 
_chem_comp_bond.pdbx_stereo_config 
_chem_comp_bond.pdbx_ordinal 
C46 P     O1P    sing N N 1   
C46 P     O2P    doub N N 2   
C46 P     O3P    sing N N 3   
C46 P     "O5'"  sing N N 4   
C46 O1P   H1P    sing N N 5   
C46 O3P   H3P    sing N N 6   
C46 "O5'" "C5'"  sing N N 7   
C46 "C5'" "C4'"  sing N N 8   
C46 "C5'" "H5'1" sing N N 9   
C46 "C5'" "H5'2" sing N N 10  
C46 "C4'" "O4'"  sing N N 11  
C46 "C4'" "C3'"  sing N N 12  
C46 "C4'" "H4'"  sing N N 13  
C46 "O4'" "C1'"  sing N N 14  
C46 "C3'" "O3'"  sing N N 15  
C46 "C3'" "C2'"  sing N N 16  
C46 "C3'" "H3'"  sing N N 17  
C46 "O3'" HA     sing N N 18  
C46 "C2'" "C1'"  sing N N 19  
C46 "C2'" "H2'1" sing N N 20  
C46 "C2'" "H2'2" sing N N 21  
C46 "C1'" N1     sing N N 22  
C46 "C1'" "H1'"  sing N N 23  
C46 N1    C2     sing N N 24  
C46 N1    C6     sing N N 25  
C46 C2    O2     doub N N 26  
C46 C2    N3     sing N N 27  
C46 N3    C4     doub N N 28  
C46 C4    N4     sing N N 29  
C46 C4    C5     sing N N 30  
C46 N4    O4     sing N N 31  
C46 N4    H4     sing N N 32  
C46 C5    C6     doub N N 33  
C46 C5    CM5    sing N N 34  
C46 C6    H6     sing N N 35  
C46 CM5   C7     sing N N 36  
C46 CM5   HM51   sing N N 37  
C46 CM5   HM52   sing N N 38  
C46 O4    C7     sing N N 39  
C46 C7    H7C1   sing N N 40  
C46 C7    H7C2   sing N N 41  
DC  OP3   P      sing N N 42  
DC  OP3   HOP3   sing N N 43  
DC  P     OP1    doub N N 44  
DC  P     OP2    sing N N 45  
DC  P     "O5'"  sing N N 46  
DC  OP2   HOP2   sing N N 47  
DC  "O5'" "C5'"  sing N N 48  
DC  "C5'" "C4'"  sing N N 49  
DC  "C5'" "H5'"  sing N N 50  
DC  "C5'" "H5''" sing N N 51  
DC  "C4'" "O4'"  sing N N 52  
DC  "C4'" "C3'"  sing N N 53  
DC  "C4'" "H4'"  sing N N 54  
DC  "O4'" "C1'"  sing N N 55  
DC  "C3'" "O3'"  sing N N 56  
DC  "C3'" "C2'"  sing N N 57  
DC  "C3'" "H3'"  sing N N 58  
DC  "O3'" "HO3'" sing N N 59  
DC  "C2'" "C1'"  sing N N 60  
DC  "C2'" "H2'"  sing N N 61  
DC  "C2'" "H2''" sing N N 62  
DC  "C1'" N1     sing N N 63  
DC  "C1'" "H1'"  sing N N 64  
DC  N1    C2     sing N N 65  
DC  N1    C6     sing N N 66  
DC  C2    O2     doub N N 67  
DC  C2    N3     sing N N 68  
DC  N3    C4     doub N N 69  
DC  C4    N4     sing N N 70  
DC  C4    C5     sing N N 71  
DC  N4    H41    sing N N 72  
DC  N4    H42    sing N N 73  
DC  C5    C6     doub N N 74  
DC  C5    H5     sing N N 75  
DC  C6    H6     sing N N 76  
DG  OP3   P      sing N N 77  
DG  OP3   HOP3   sing N N 78  
DG  P     OP1    doub N N 79  
DG  P     OP2    sing N N 80  
DG  P     "O5'"  sing N N 81  
DG  OP2   HOP2   sing N N 82  
DG  "O5'" "C5'"  sing N N 83  
DG  "C5'" "C4'"  sing N N 84  
DG  "C5'" "H5'"  sing N N 85  
DG  "C5'" "H5''" sing N N 86  
DG  "C4'" "O4'"  sing N N 87  
DG  "C4'" "C3'"  sing N N 88  
DG  "C4'" "H4'"  sing N N 89  
DG  "O4'" "C1'"  sing N N 90  
DG  "C3'" "O3'"  sing N N 91  
DG  "C3'" "C2'"  sing N N 92  
DG  "C3'" "H3'"  sing N N 93  
DG  "O3'" "HO3'" sing N N 94  
DG  "C2'" "C1'"  sing N N 95  
DG  "C2'" "H2'"  sing N N 96  
DG  "C2'" "H2''" sing N N 97  
DG  "C1'" N9     sing N N 98  
DG  "C1'" "H1'"  sing N N 99  
DG  N9    C8     sing Y N 100 
DG  N9    C4     sing Y N 101 
DG  C8    N7     doub Y N 102 
DG  C8    H8     sing N N 103 
DG  N7    C5     sing Y N 104 
DG  C5    C6     sing N N 105 
DG  C5    C4     doub Y N 106 
DG  C6    O6     doub N N 107 
DG  C6    N1     sing N N 108 
DG  N1    C2     sing N N 109 
DG  N1    H1     sing N N 110 
DG  C2    N2     sing N N 111 
DG  C2    N3     doub N N 112 
DG  N2    H21    sing N N 113 
DG  N2    H22    sing N N 114 
DG  N3    C4     sing N N 115 
HOH O     H1     sing N N 116 
HOH O     H2     sing N N 117 
# 
_ndb_struct_conf_na.entry_id   223D 
_ndb_struct_conf_na.feature    'z-form double helix' 
# 
loop_
_ndb_struct_na_base_pair.model_number 
_ndb_struct_na_base_pair.i_label_asym_id 
_ndb_struct_na_base_pair.i_label_comp_id 
_ndb_struct_na_base_pair.i_label_seq_id 
_ndb_struct_na_base_pair.i_symmetry 
_ndb_struct_na_base_pair.j_label_asym_id 
_ndb_struct_na_base_pair.j_label_comp_id 
_ndb_struct_na_base_pair.j_label_seq_id 
_ndb_struct_na_base_pair.j_symmetry 
_ndb_struct_na_base_pair.shear 
_ndb_struct_na_base_pair.stretch 
_ndb_struct_na_base_pair.stagger 
_ndb_struct_na_base_pair.buckle 
_ndb_struct_na_base_pair.propeller 
_ndb_struct_na_base_pair.opening 
_ndb_struct_na_base_pair.pair_number 
_ndb_struct_na_base_pair.pair_name 
_ndb_struct_na_base_pair.i_auth_asym_id 
_ndb_struct_na_base_pair.i_auth_seq_id 
_ndb_struct_na_base_pair.i_PDB_ins_code 
_ndb_struct_na_base_pair.j_auth_asym_id 
_ndb_struct_na_base_pair.j_auth_seq_id 
_ndb_struct_na_base_pair.j_PDB_ins_code 
_ndb_struct_na_base_pair.hbond_type_28 
_ndb_struct_na_base_pair.hbond_type_12 
1 A DC  1 1_555 B DG  6 1_555 -0.165 -0.127 0.402 5.396  5.418  2.356  1 A_DC1:DG12_B  A 1 ? B 12 ? 19 1 
1 A DG  2 1_555 B C46 5 1_555 2.593  -0.758 0.118 -2.450 6.923  -2.325 2 A_DG2:C4611_B A 2 ? B 11 ? ?  1 
1 A DC  3 1_555 B DG  4 1_555 -0.413 -0.076 0.187 6.027  0.078  1.392  3 A_DC3:DG10_B  A 3 ? B 10 ? 19 1 
1 A DG  4 1_555 B DC  3 1_555 0.272  -0.065 0.014 -9.525 -3.406 1.451  4 A_DG4:DC9_B   A 4 ? B 9  ? 19 1 
1 A C46 5 1_555 B DG  2 1_555 -0.633 -0.288 0.177 1.429  2.210  3.346  5 A_C465:DG8_B  A 5 ? B 8  ? 19 1 
1 A DG  6 1_555 B DC  1 1_555 0.189  -0.162 0.395 -0.394 -2.347 1.878  6 A_DG6:DC7_B   A 6 ? B 7  ? 19 1 
# 
loop_
_ndb_struct_na_base_pair_step.model_number 
_ndb_struct_na_base_pair_step.i_label_asym_id_1 
_ndb_struct_na_base_pair_step.i_label_comp_id_1 
_ndb_struct_na_base_pair_step.i_label_seq_id_1 
_ndb_struct_na_base_pair_step.i_symmetry_1 
_ndb_struct_na_base_pair_step.j_label_asym_id_1 
_ndb_struct_na_base_pair_step.j_label_comp_id_1 
_ndb_struct_na_base_pair_step.j_label_seq_id_1 
_ndb_struct_na_base_pair_step.j_symmetry_1 
_ndb_struct_na_base_pair_step.i_label_asym_id_2 
_ndb_struct_na_base_pair_step.i_label_comp_id_2 
_ndb_struct_na_base_pair_step.i_label_seq_id_2 
_ndb_struct_na_base_pair_step.i_symmetry_2 
_ndb_struct_na_base_pair_step.j_label_asym_id_2 
_ndb_struct_na_base_pair_step.j_label_comp_id_2 
_ndb_struct_na_base_pair_step.j_label_seq_id_2 
_ndb_struct_na_base_pair_step.j_symmetry_2 
_ndb_struct_na_base_pair_step.shift 
_ndb_struct_na_base_pair_step.slide 
_ndb_struct_na_base_pair_step.rise 
_ndb_struct_na_base_pair_step.tilt 
_ndb_struct_na_base_pair_step.roll 
_ndb_struct_na_base_pair_step.twist 
_ndb_struct_na_base_pair_step.x_displacement 
_ndb_struct_na_base_pair_step.y_displacement 
_ndb_struct_na_base_pair_step.helical_rise 
_ndb_struct_na_base_pair_step.inclination 
_ndb_struct_na_base_pair_step.tip 
_ndb_struct_na_base_pair_step.helical_twist 
_ndb_struct_na_base_pair_step.step_number 
_ndb_struct_na_base_pair_step.step_name 
_ndb_struct_na_base_pair_step.i_auth_asym_id_1 
_ndb_struct_na_base_pair_step.i_auth_seq_id_1 
_ndb_struct_na_base_pair_step.i_PDB_ins_code_1 
_ndb_struct_na_base_pair_step.j_auth_asym_id_1 
_ndb_struct_na_base_pair_step.j_auth_seq_id_1 
_ndb_struct_na_base_pair_step.j_PDB_ins_code_1 
_ndb_struct_na_base_pair_step.i_auth_asym_id_2 
_ndb_struct_na_base_pair_step.i_auth_seq_id_2 
_ndb_struct_na_base_pair_step.i_PDB_ins_code_2 
_ndb_struct_na_base_pair_step.j_auth_asym_id_2 
_ndb_struct_na_base_pair_step.j_auth_seq_id_2 
_ndb_struct_na_base_pair_step.j_PDB_ins_code_2 
1 A DC  1 1_555 B DG  6 1_555 A DG  2 1_555 B C46 5 1_555 0.031  5.263  3.795 6.457  4.301  -2.143  -43.420 9.113  -1.826 -41.342 
62.070  -8.048  1 AA_DC1DG2:C4611DG12_BB A 1 ? B 12 ? A 2 ? B 11 ? 
1 A DG  2 1_555 B C46 5 1_555 A DC  3 1_555 B DG  4 1_555 0.274  -0.007 3.340 -4.351 -6.705 -63.051 0.308   0.064  3.335  6.385   
-4.143  -63.504 2 AA_DG2DC3:DG10C4611_BB A 2 ? B 11 ? A 3 ? B 10 ? 
1 A DC  3 1_555 B DG  4 1_555 A DG  4 1_555 B DC  3 1_555 0.006  5.493  3.939 0.009  -1.247 -7.482  -36.070 0.085  4.787  9.471   
0.068   -7.585  3 AA_DC3DG4:DC9DG10_BB   A 3 ? B 10 ? A 4 ? B 9  ? 
1 A DG  4 1_555 B DC  3 1_555 A C46 5 1_555 B DG  2 1_555 0.208  -1.277 3.265 0.988  -2.473 -49.182 1.715   0.323  3.197  2.969   
1.186   -49.250 4 AA_DG4C465:DG8DC9_BB   A 4 ? B 9  ? A 5 ? B 8  ? 
1 A C46 5 1_555 B DG  2 1_555 A DG  6 1_555 B DC  1 1_555 -0.290 5.364  3.764 -2.719 2.672  -8.639  -37.613 -6.880 1.846  -16.710 
-17.005 -9.441  5 AA_C465DG6:DC7DG8_BB   A 5 ? B 8  ? A 6 ? B 7  ? 
# 
_pdbx_initial_refinement_model.accession_code   1DCG 
_pdbx_initial_refinement_model.id               1 
_pdbx_initial_refinement_model.entity_id_list   ? 
_pdbx_initial_refinement_model.type             'experimental model' 
_pdbx_initial_refinement_model.source_name      PDB 
_pdbx_initial_refinement_model.details          ZDF002 
# 
_atom_sites.entry_id                    223D 
_atom_sites.fract_transf_matrix[1][1]   0.02535580 
_atom_sites.fract_transf_matrix[1][2]   0.01730023 
_atom_sites.fract_transf_matrix[1][3]   -0.04546270 
_atom_sites.fract_transf_matrix[2][1]   0.02019898 
_atom_sites.fract_transf_matrix[2][2]   0.01811485 
_atom_sites.fract_transf_matrix[2][3]   0.01815889 
_atom_sites.fract_transf_matrix[3][1]   0.01451012 
_atom_sites.fract_transf_matrix[3][2]   -0.01758420 
_atom_sites.fract_transf_matrix[3][3]   0.00140126 
_atom_sites.fract_transf_vector[1]      0.790523 
_atom_sites.fract_transf_vector[2]      0.517949 
_atom_sites.fract_transf_vector[3]      0.928512 
# 
loop_
_atom_type.symbol 
C 
N 
O 
P 
# 
loop_
_atom_site.group_PDB 
_atom_site.id 
_atom_site.type_symbol 
_atom_site.label_atom_id 
_atom_site.label_alt_id 
_atom_site.label_comp_id 
_atom_site.label_asym_id 
_atom_site.label_entity_id 
_atom_site.label_seq_id 
_atom_site.pdbx_PDB_ins_code 
_atom_site.Cartn_x 
_atom_site.Cartn_y 
_atom_site.Cartn_z 
_atom_site.occupancy 
_atom_site.B_iso_or_equiv 
_atom_site.pdbx_formal_charge 
_atom_site.auth_seq_id 
_atom_site.auth_comp_id 
_atom_site.auth_asym_id 
_atom_site.auth_atom_id 
_atom_site.pdbx_PDB_model_num 
ATOM   1   O "O5'" . DC  A 1 1 ? -1.564  10.862  -1.670 1.00 25.67 ? 1  DC  A "O5'" 1 
ATOM   2   C "C5'" . DC  A 1 1 ? -1.304  10.023  -2.823 1.00 17.63 ? 1  DC  A "C5'" 1 
ATOM   3   C "C4'" . DC  A 1 1 ? -2.229  8.857   -2.454 1.00 11.43 ? 1  DC  A "C4'" 1 
ATOM   4   O "O4'" . DC  A 1 1 ? -2.487  8.349   -1.236 1.00 12.10 ? 1  DC  A "O4'" 1 
ATOM   5   C "C3'" . DC  A 1 1 ? -3.634  9.376   -2.813 1.00 10.37 ? 1  DC  A "C3'" 1 
ATOM   6   O "O3'" . DC  A 1 1 ? -4.434  8.551   -3.585 1.00 12.17 ? 1  DC  A "O3'" 1 
ATOM   7   C "C2'" . DC  A 1 1 ? -4.424  9.529   -1.480 1.00 8.77  ? 1  DC  A "C2'" 1 
ATOM   8   C "C1'" . DC  A 1 1 ? -3.804  8.291   -0.805 1.00 9.99  ? 1  DC  A "C1'" 1 
ATOM   9   N N1    . DC  A 1 1 ? -3.737  8.382   0.633  1.00 10.05 ? 1  DC  A N1    1 
ATOM   10  C C2    . DC  A 1 1 ? -4.717  7.718   1.367  1.00 6.39  ? 1  DC  A C2    1 
ATOM   11  O O2    . DC  A 1 1 ? -5.576  7.098   0.777  1.00 11.54 ? 1  DC  A O2    1 
ATOM   12  N N3    . DC  A 1 1 ? -4.717  7.802   2.719  1.00 12.08 ? 1  DC  A N3    1 
ATOM   13  C C4    . DC  A 1 1 ? -3.816  8.644   3.385  1.00 4.66  ? 1  DC  A C4    1 
ATOM   14  N N4    . DC  A 1 1 ? -3.957  8.650   4.714  1.00 10.90 ? 1  DC  A N4    1 
ATOM   15  C C5    . DC  A 1 1 ? -2.751  9.236   2.638  1.00 3.87  ? 1  DC  A C5    1 
ATOM   16  C C6    . DC  A 1 1 ? -2.837  9.173   1.310  1.00 3.91  ? 1  DC  A C6    1 
ATOM   17  P P     . DG  A 1 2 ? -4.599  8.778   -5.241 1.00 21.07 ? 2  DG  A P     1 
ATOM   18  O OP1   . DG  A 1 2 ? -4.424  10.217  -5.416 1.00 21.84 ? 2  DG  A OP1   1 
ATOM   19  O OP2   . DG  A 1 2 ? -5.670  7.960   -5.623 1.00 25.73 ? 2  DG  A OP2   1 
ATOM   20  O "O5'" . DG  A 1 2 ? -3.100  8.106   -5.647 1.00 21.92 ? 2  DG  A "O5'" 1 
ATOM   21  C "C5'" . DG  A 1 2 ? -2.929  6.718   -5.841 1.00 11.47 ? 2  DG  A "C5'" 1 
ATOM   22  C "C4'" . DG  A 1 2 ? -1.446  6.689   -6.157 1.00 13.34 ? 2  DG  A "C4'" 1 
ATOM   23  O "O4'" . DG  A 1 2 ? -0.633  7.348   -5.303 1.00 15.15 ? 2  DG  A "O4'" 1 
ATOM   24  C "C3'" . DG  A 1 2 ? -1.032  5.154   -6.012 1.00 11.05 ? 2  DG  A "C3'" 1 
ATOM   25  O "O3'" . DG  A 1 2 ? -1.360  4.512   -7.252 1.00 16.44 ? 2  DG  A "O3'" 1 
ATOM   26  C "C2'" . DG  A 1 2 ? 0.477   5.255   -5.533 1.00 12.08 ? 2  DG  A "C2'" 1 
ATOM   27  C "C1'" . DG  A 1 2 ? 0.544   6.609   -4.992 1.00 14.48 ? 2  DG  A "C1'" 1 
ATOM   28  N N9    . DG  A 1 2 ? 0.629   6.587   -3.523 1.00 19.12 ? 2  DG  A N9    1 
ATOM   29  C C8    . DG  A 1 2 ? 1.593   7.361   -2.856 1.00 19.93 ? 2  DG  A C8    1 
ATOM   30  N N7    . DG  A 1 2 ? 1.544   7.237   -1.549 1.00 13.41 ? 2  DG  A N7    1 
ATOM   31  C C5    . DG  A 1 2 ? 0.398   6.511   -1.363 1.00 13.74 ? 2  DG  A C5    1 
ATOM   32  C C6    . DG  A 1 2 ? -0.357  6.191   -0.198 1.00 12.82 ? 2  DG  A C6    1 
ATOM   33  O O6    . DG  A 1 2 ? -0.019  6.557   0.967  1.00 20.59 ? 2  DG  A O6    1 
ATOM   34  N N1    . DG  A 1 2 ? -1.507  5.477   -0.397 1.00 11.06 ? 2  DG  A N1    1 
ATOM   35  C C2    . DG  A 1 2 ? -1.912  5.130   -1.694 1.00 6.29  ? 2  DG  A C2    1 
ATOM   36  N N2    . DG  A 1 2 ? -3.157  4.489   -1.493 1.00 9.42  ? 2  DG  A N2    1 
ATOM   37  N N3    . DG  A 1 2 ? -1.362  5.449   -2.821 1.00 4.59  ? 2  DG  A N3    1 
ATOM   38  C C4    . DG  A 1 2 ? -0.239  6.145   -2.574 1.00 9.10  ? 2  DG  A C4    1 
ATOM   39  P P     . DC  A 1 3 ? -2.172  3.172   -7.370 1.00 21.90 ? 3  DC  A P     1 
ATOM   40  O OP1   . DC  A 1 3 ? -2.117  2.589   -8.778 1.00 31.85 ? 3  DC  A OP1   1 
ATOM   41  O OP2   . DC  A 1 3 ? -3.540  3.453   -6.816 1.00 25.77 ? 3  DC  A OP2   1 
ATOM   42  O "O5'" . DC  A 1 3 ? -1.479  2.069   -6.412 1.00 15.39 ? 3  DC  A "O5'" 1 
ATOM   43  C "C5'" . DC  A 1 3 ? -1.717  0.695   -6.704 1.00 14.22 ? 3  DC  A "C5'" 1 
ATOM   44  C "C4'" . DC  A 1 3 ? -1.738  -0.041  -5.375 1.00 10.93 ? 3  DC  A "C4'" 1 
ATOM   45  O "O4'" . DC  A 1 3 ? -0.839  0.106   -4.274 1.00 10.42 ? 3  DC  A "O4'" 1 
ATOM   46  C "C3'" . DC  A 1 3 ? -3.046  0.366   -4.639 1.00 15.63 ? 3  DC  A "C3'" 1 
ATOM   47  O "O3'" . DC  A 1 3 ? -3.711  -0.623  -3.894 1.00 12.36 ? 3  DC  A "O3'" 1 
ATOM   48  C "C2'" . DC  A 1 3 ? -2.537  1.486   -3.618 1.00 6.57  ? 3  DC  A "C2'" 1 
ATOM   49  C "C1'" . DC  A 1 3 ? -1.278  0.699   -3.133 1.00 8.77  ? 3  DC  A "C1'" 1 
ATOM   50  N N1    . DC  A 1 3 ? -0.101  1.512   -2.632 1.00 9.62  ? 3  DC  A N1    1 
ATOM   51  C C2    . DC  A 1 3 ? -0.133  1.743   -1.241 1.00 7.99  ? 3  DC  A C2    1 
ATOM   52  O O2    . DC  A 1 3 ? -1.055  1.297   -0.519 1.00 7.91  ? 3  DC  A O2    1 
ATOM   53  N N3    . DC  A 1 3 ? 0.821   2.642   -0.782 1.00 12.11 ? 3  DC  A N3    1 
ATOM   54  C C4    . DC  A 1 3 ? 1.660   3.272   -1.621 1.00 13.63 ? 3  DC  A C4    1 
ATOM   55  N N4    . DC  A 1 3 ? 2.630   4.015   -0.993 1.00 12.16 ? 3  DC  A N4    1 
ATOM   56  C C5    . DC  A 1 3 ? 1.676   3.047   -2.979 1.00 8.83  ? 3  DC  A C5    1 
ATOM   57  C C6    . DC  A 1 3 ? 0.698   2.220   -3.451 1.00 10.21 ? 3  DC  A C6    1 
ATOM   58  P P     . DG  A 1 4 ? -4.971  -1.487  -4.460 1.00 15.43 ? 4  DG  A P     1 
ATOM   59  O OP1   . DG  A 1 4 ? -5.795  -0.517  -5.155 1.00 17.29 ? 4  DG  A OP1   1 
ATOM   60  O OP2   . DG  A 1 4 ? -5.472  -2.246  -3.301 1.00 18.75 ? 4  DG  A OP2   1 
ATOM   61  O "O5'" . DG  A 1 4 ? -4.162  -2.474  -5.521 1.00 14.05 ? 4  DG  A "O5'" 1 
ATOM   62  C "C5'" . DG  A 1 4 ? -3.573  -3.662  -5.047 1.00 9.27  ? 4  DG  A "C5'" 1 
ATOM   63  C "C4'" . DG  A 1 4 ? -2.826  -4.067  -6.309 1.00 7.81  ? 4  DG  A "C4'" 1 
ATOM   64  O "O4'" . DG  A 1 4 ? -2.064  -2.968  -6.833 1.00 11.39 ? 4  DG  A "O4'" 1 
ATOM   65  C "C3'" . DG  A 1 4 ? -1.922  -5.223  -5.914 1.00 16.95 ? 4  DG  A "C3'" 1 
ATOM   66  O "O3'" . DG  A 1 4 ? -2.463  -6.491  -6.019 1.00 21.78 ? 4  DG  A "O3'" 1 
ATOM   67  C "C2'" . DG  A 1 4 ? -0.833  -5.059  -6.998 1.00 14.45 ? 4  DG  A "C2'" 1 
ATOM   68  C "C1'" . DG  A 1 4 ? -1.015  -3.671  -7.541 1.00 14.42 ? 4  DG  A "C1'" 1 
ATOM   69  N N9    . DG  A 1 4 ? 0.148   -2.853  -7.244 1.00 10.53 ? 4  DG  A N9    1 
ATOM   70  C C8    . DG  A 1 4 ? 0.951   -2.194  -8.079 1.00 13.82 ? 4  DG  A C8    1 
ATOM   71  N N7    . DG  A 1 4 ? 1.830   -1.442  -7.450 1.00 21.49 ? 4  DG  A N7    1 
ATOM   72  C C5    . DG  A 1 4 ? 1.645   -1.671  -6.123 1.00 12.93 ? 4  DG  A C5    1 
ATOM   73  C C6    . DG  A 1 4 ? 2.268   -1.116  -4.981 1.00 15.54 ? 4  DG  A C6    1 
ATOM   74  O O6    . DG  A 1 4 ? 3.265   -0.318  -4.987 1.00 13.68 ? 4  DG  A O6    1 
ATOM   75  N N1    . DG  A 1 4 ? 1.838   -1.617  -3.749 1.00 6.87  ? 4  DG  A N1    1 
ATOM   76  C C2    . DG  A 1 4 ? 0.825   -2.517  -3.684 1.00 4.42  ? 4  DG  A C2    1 
ATOM   77  N N2    . DG  A 1 4 ? 0.428   -2.776  -2.462 1.00 5.84  ? 4  DG  A N2    1 
ATOM   78  N N3    . DG  A 1 4 ? 0.192   -3.082  -4.785 1.00 12.83 ? 4  DG  A N3    1 
ATOM   79  C C4    . DG  A 1 4 ? 0.592   -2.541  -5.924 1.00 13.33 ? 4  DG  A C4    1 
HETATM 80  P P     . C46 A 1 5 ? -2.696  -7.741  -5.087 1.00 33.52 ? 5  C46 A P     1 
HETATM 81  O O1P   . C46 A 1 5 ? -2.989  -8.928  -5.895 1.00 36.95 ? 5  C46 A O1P   1 
HETATM 82  O O2P   . C46 A 1 5 ? -3.837  -7.435  -4.063 1.00 31.22 ? 5  C46 A O2P   1 
HETATM 83  O "O5'" . C46 A 1 5 ? -1.295  -7.877  -4.247 1.00 29.78 ? 5  C46 A "O5'" 1 
HETATM 84  C "C5'" . C46 A 1 5 ? -0.860  -9.141  -3.705 1.00 18.19 ? 5  C46 A "C5'" 1 
HETATM 85  C "C4'" . C46 A 1 5 ? 0.180   -8.597  -2.652 1.00 6.90  ? 5  C46 A "C4'" 1 
HETATM 86  O "O4'" . C46 A 1 5 ? 1.175   -7.895  -3.226 1.00 8.64  ? 5  C46 A "O4'" 1 
HETATM 87  C "C3'" . C46 A 1 5 ? -0.587  -7.585  -1.784 1.00 16.70 ? 5  C46 A "C3'" 1 
HETATM 88  O "O3'" . C46 A 1 5 ? -0.523  -7.806  -0.363 1.00 12.72 ? 5  C46 A "O3'" 1 
HETATM 89  C "C2'" . C46 A 1 5 ? 0.053   -6.282  -2.182 1.00 11.45 ? 5  C46 A "C2'" 1 
HETATM 90  C "C1'" . C46 A 1 5 ? 1.391   -6.897  -2.271 1.00 10.29 ? 5  C46 A "C1'" 1 
HETATM 91  N N1    . C46 A 1 5 ? 2.306   -5.995  -3.014 1.00 13.42 ? 5  C46 A N1    1 
HETATM 92  C C2    . C46 A 1 5 ? 3.149   -5.061  -2.300 1.00 11.00 ? 5  C46 A C2    1 
HETATM 93  O O2    . C46 A 1 5 ? 3.143   -5.072  -1.088 1.00 19.75 ? 5  C46 A O2    1 
HETATM 94  N N3    . C46 A 1 5 ? 3.922   -4.354  -3.072 1.00 16.63 ? 5  C46 A N3    1 
HETATM 95  C C4    . C46 A 1 5 ? 3.891   -4.497  -4.404 1.00 10.86 ? 5  C46 A C4    1 
HETATM 96  N N4    . C46 A 1 5 ? 4.722   -3.611  -5.172 1.00 20.34 ? 5  C46 A N4    1 
HETATM 97  C C5    . C46 A 1 5 ? 3.049   -5.371  -5.079 1.00 16.74 ? 5  C46 A C5    1 
HETATM 98  C C6    . C46 A 1 5 ? 2.223   -6.096  -4.330 1.00 15.13 ? 5  C46 A C6    1 
HETATM 99  C CM5   . C46 A 1 5 ? 3.074   -5.542  -6.624 1.00 24.26 ? 5  C46 A CM5   1 
HETATM 100 O O4    . C46 A 1 5 ? 5.034   -4.061  -6.408 1.00 24.26 ? 5  C46 A O4    1 
HETATM 101 C C7    . C46 A 1 5 ? 3.832   -4.347  -7.038 1.00 26.96 ? 5  C46 A C7    1 
ATOM   102 P P     . DG  A 1 6 ? -1.757  -8.306  0.507  1.00 13.35 ? 6  DG  A P     1 
ATOM   103 O OP1   . DG  A 1 6 ? -2.857  -7.478  0.096  1.00 14.89 ? 6  DG  A OP1   1 
ATOM   104 O OP2   . DG  A 1 6 ? -1.459  -8.344  1.937  1.00 14.41 ? 6  DG  A OP2   1 
ATOM   105 O "O5'" . DG  A 1 6 ? -1.826  -9.854  -0.096 1.00 14.55 ? 6  DG  A "O5'" 1 
ATOM   106 C "C5'" . DG  A 1 6 ? -0.949  -10.821 0.333  1.00 14.16 ? 6  DG  A "C5'" 1 
ATOM   107 C "C4'" . DG  A 1 6 ? -1.320  -12.052 -0.439 1.00 10.12 ? 6  DG  A "C4'" 1 
ATOM   108 O "O4'" . DG  A 1 6 ? -1.014  -11.850 -1.795 1.00 10.11 ? 6  DG  A "O4'" 1 
ATOM   109 C "C3'" . DG  A 1 6 ? -0.448  -13.216 0.055  1.00 8.77  ? 6  DG  A "C3'" 1 
ATOM   110 O "O3'" . DG  A 1 6 ? -1.351  -14.300 0.005  1.00 17.48 ? 6  DG  A "O3'" 1 
ATOM   111 C "C2'" . DG  A 1 6 ? 0.661   -13.310 -0.915 1.00 11.30 ? 6  DG  A "C2'" 1 
ATOM   112 C "C1'" . DG  A 1 6 ? -0.114  -12.877 -2.147 1.00 13.00 ? 6  DG  A "C1'" 1 
ATOM   113 N N9    . DG  A 1 6 ? 0.754   -12.297 -3.144 1.00 11.87 ? 6  DG  A N9    1 
ATOM   114 C C8    . DG  A 1 6 ? 0.663   -12.379 -4.515 1.00 16.87 ? 6  DG  A C8    1 
ATOM   115 N N7    . DG  A 1 6 ? 1.547   -11.737 -5.186 1.00 16.67 ? 6  DG  A N7    1 
ATOM   116 C C5    . DG  A 1 6 ? 2.233   -10.984 -4.201 1.00 12.28 ? 6  DG  A C5    1 
ATOM   117 C C6    . DG  A 1 6 ? 3.351   -10.101 -4.276 1.00 10.42 ? 6  DG  A C6    1 
ATOM   118 O O6    . DG  A 1 6 ? 3.802   -9.675  -5.320 1.00 11.77 ? 6  DG  A O6    1 
ATOM   119 N N1    . DG  A 1 6 ? 3.815   -9.658  -3.082 1.00 7.22  ? 6  DG  A N1    1 
ATOM   120 C C2    . DG  A 1 6 ? 3.202   -9.989  -1.894 1.00 11.88 ? 6  DG  A C2    1 
ATOM   121 N N2    . DG  A 1 6 ? 3.655   -9.445  -0.754 1.00 11.72 ? 6  DG  A N2    1 
ATOM   122 N N3    . DG  A 1 6 ? 2.246   -10.942 -1.730 1.00 11.20 ? 6  DG  A N3    1 
ATOM   123 C C4    . DG  A 1 6 ? 1.842   -11.416 -2.932 1.00 11.73 ? 6  DG  A C4    1 
ATOM   124 O "O5'" . DC  B 1 1 ? 10.493  -3.453  -2.376 1.00 25.92 ? 7  DC  B "O5'" 1 
ATOM   125 C "C5'" . DC  B 1 1 ? 10.661  -3.640  -0.962 1.00 25.41 ? 7  DC  B "C5'" 1 
ATOM   126 C "C4'" . DC  B 1 1 ? 9.296   -3.753  -0.282 1.00 18.90 ? 7  DC  B "C4'" 1 
ATOM   127 O "O4'" . DC  B 1 1 ? 8.082   -4.206  -0.837 1.00 18.39 ? 7  DC  B "O4'" 1 
ATOM   128 C "C3'" . DC  B 1 1 ? 9.483   -4.921  0.676  1.00 18.62 ? 7  DC  B "C3'" 1 
ATOM   129 O "O3'" . DC  B 1 1 ? 8.904   -5.066  1.910  1.00 20.66 ? 7  DC  B "O3'" 1 
ATOM   130 C "C2'" . DC  B 1 1 ? 8.925   -6.118  -0.379 1.00 17.88 ? 7  DC  B "C2'" 1 
ATOM   131 C "C1'" . DC  B 1 1 ? 7.604   -5.524  -0.720 1.00 10.66 ? 7  DC  B "C1'" 1 
ATOM   132 N N1    . DC  B 1 1 ? 7.147   -6.020  -1.996 1.00 10.81 ? 7  DC  B N1    1 
ATOM   133 C C2    . DC  B 1 1 ? 6.108   -6.944  -1.978 1.00 8.13  ? 7  DC  B C2    1 
ATOM   134 O O2    . DC  B 1 1 ? 5.608   -7.289  -0.908 1.00 10.92 ? 7  DC  B O2    1 
ATOM   135 N N3    . DC  B 1 1 ? 5.665   -7.418  -3.189 1.00 8.53  ? 7  DC  B N3    1 
ATOM   136 C C4    . DC  B 1 1 ? 6.252   -7.109  -4.326 1.00 13.72 ? 7  DC  B C4    1 
ATOM   137 N N4    . DC  B 1 1 ? 5.796   -7.613  -5.436 1.00 15.05 ? 7  DC  B N4    1 
ATOM   138 C C5    . DC  B 1 1 ? 7.322   -6.089  -4.396 1.00 11.04 ? 7  DC  B C5    1 
ATOM   139 C C6    . DC  B 1 1 ? 7.731   -5.670  -3.156 1.00 10.69 ? 7  DC  B C6    1 
ATOM   140 P P     . DG  B 1 2 ? 9.784   -4.698  3.338  1.00 31.58 ? 8  DG  B P     1 
ATOM   141 O OP1   . DG  B 1 2 ? 11.216  -4.800  2.943  1.00 31.41 ? 8  DG  B OP1   1 
ATOM   142 O OP2   . DG  B 1 2 ? 8.978   -5.319  4.248  1.00 15.47 ? 8  DG  B OP2   1 
ATOM   143 O "O5'" . DG  B 1 2 ? 9.572   -3.002  3.275  1.00 36.00 ? 8  DG  B "O5'" 1 
ATOM   144 C "C5'" . DG  B 1 2 ? 8.294   -2.491  3.571  1.00 21.22 ? 8  DG  B "C5'" 1 
ATOM   145 C "C4'" . DG  B 1 2 ? 8.608   -1.025  3.379  1.00 7.00  ? 8  DG  B "C4'" 1 
ATOM   146 O "O4'" . DG  B 1 2 ? 9.155   -0.852  2.173  1.00 12.80 ? 8  DG  B "O4'" 1 
ATOM   147 C "C3'" . DG  B 1 2 ? 7.185   -0.321  3.483  1.00 12.49 ? 8  DG  B "C3'" 1 
ATOM   148 O "O3'" . DG  B 1 2 ? 6.876   0.057   4.787  1.00 19.05 ? 8  DG  B "O3'" 1 
ATOM   149 C "C2'" . DG  B 1 2 ? 7.520   0.733   2.588  1.00 8.57  ? 8  DG  B "C2'" 1 
ATOM   150 C "C1'" . DG  B 1 2 ? 8.505   0.325   1.619  1.00 11.94 ? 8  DG  B "C1'" 1 
ATOM   151 N N9    . DG  B 1 2 ? 8.072   0.027   0.289  1.00 15.08 ? 8  DG  B N9    1 
ATOM   152 C C8    . DG  B 1 2 ? 8.579   0.433   -0.870 1.00 11.51 ? 8  DG  B C8    1 
ATOM   153 N N7    . DG  B 1 2 ? 8.071   -0.031  -1.994 1.00 19.55 ? 8  DG  B N7    1 
ATOM   154 C C5    . DG  B 1 2 ? 7.118   -0.971  -1.499 1.00 16.57 ? 8  DG  B C5    1 
ATOM   155 C C6    . DG  B 1 2 ? 6.230   -1.853  -2.159 1.00 9.04  ? 8  DG  B C6    1 
ATOM   156 O O6    . DG  B 1 2 ? 6.130   -1.931  -3.375 1.00 18.64 ? 8  DG  B O6    1 
ATOM   157 N N1    . DG  B 1 2 ? 5.392   -2.517  -1.369 1.00 7.83  ? 8  DG  B N1    1 
ATOM   158 C C2    . DG  B 1 2 ? 5.489   -2.573  -0.011 1.00 8.33  ? 8  DG  B C2    1 
ATOM   159 N N2    . DG  B 1 2 ? 4.786   -3.402  0.711  1.00 12.83 ? 8  DG  B N2    1 
ATOM   160 N N3    . DG  B 1 2 ? 6.326   -1.748  0.735  1.00 11.87 ? 8  DG  B N3    1 
ATOM   161 C C4    . DG  B 1 2 ? 7.073   -0.931  -0.095 1.00 10.46 ? 8  DG  B C4    1 
ATOM   162 P P     . DC  B 1 3 ? 5.636   -0.509  5.729  1.00 23.08 ? 9  DC  B P     1 
ATOM   163 O OP1   . DC  B 1 3 ? 5.464   0.022   7.121  1.00 27.44 ? 9  DC  B OP1   1 
ATOM   164 O OP2   . DC  B 1 3 ? 5.744   -1.933  5.731  1.00 31.84 ? 9  DC  B OP2   1 
ATOM   165 O "O5'" . DC  B 1 3 ? 4.514   0.267   4.755  1.00 11.50 ? 9  DC  B "O5'" 1 
ATOM   166 C "C5'" . DC  B 1 3 ? 3.252   0.574   5.330  1.00 9.21  ? 9  DC  B "C5'" 1 
ATOM   167 C "C4'" . DC  B 1 3 ? 2.187   0.236   4.279  1.00 5.10  ? 9  DC  B "C4'" 1 
ATOM   168 O "O4'" . DC  B 1 3 ? 2.258   0.670   2.990  1.00 10.07 ? 9  DC  B "O4'" 1 
ATOM   169 C "C3'" . DC  B 1 3 ? 2.273   -1.334  4.247  1.00 8.88  ? 9  DC  B "C3'" 1 
ATOM   170 O "O3'" . DC  B 1 3 ? 0.980   -1.961  4.394  1.00 13.68 ? 9  DC  B "O3'" 1 
ATOM   171 C "C2'" . DC  B 1 3 ? 2.820   -1.592  2.899  1.00 8.30  ? 9  DC  B "C2'" 1 
ATOM   172 C "C1'" . DC  B 1 3 ? 2.136   -0.446  2.235  1.00 8.40  ? 9  DC  B "C1'" 1 
ATOM   173 N N1    . DC  B 1 3 ? 2.744   0.003   0.991  1.00 5.84  ? 9  DC  B N1    1 
ATOM   174 C C2    . DC  B 1 3 ? 2.308   -0.573  -0.224 1.00 2.86  ? 9  DC  B C2    1 
ATOM   175 O O2    . DC  B 1 3 ? 1.403   -1.381  -0.058 1.00 8.38  ? 9  DC  B O2    1 
ATOM   176 N N3    . DC  B 1 3 ? 2.906   -0.223  -1.300 1.00 5.02  ? 9  DC  B N3    1 
ATOM   177 C C4    . DC  B 1 3 ? 3.887   0.633   -1.445 1.00 9.40  ? 9  DC  B C4    1 
ATOM   178 N N4    . DC  B 1 3 ? 4.429   1.084   -2.591 1.00 9.37  ? 9  DC  B N4    1 
ATOM   179 C C5    . DC  B 1 3 ? 4.347   1.245   -0.237 1.00 13.24 ? 9  DC  B C5    1 
ATOM   180 C C6    . DC  B 1 3 ? 3.727   0.968   0.940  1.00 8.32  ? 9  DC  B C6    1 
ATOM   181 P P     . DG  B 1 4 ? 0.453   -2.582  5.840  1.00 22.79 ? 10 DG  B P     1 
ATOM   182 O OP1   . DG  B 1 4 ? 1.501   -3.288  6.543  1.00 25.28 ? 10 DG  B OP1   1 
ATOM   183 O OP2   . DG  B 1 4 ? -0.829  -3.200  5.438  1.00 34.81 ? 10 DG  B OP2   1 
ATOM   184 O "O5'" . DG  B 1 4 ? 0.113   -1.222  6.736  1.00 17.29 ? 10 DG  B "O5'" 1 
ATOM   185 C "C5'" . DG  B 1 4 ? -0.673  -0.188  6.363  1.00 15.40 ? 10 DG  B "C5'" 1 
ATOM   186 C "C4'" . DG  B 1 4 ? -0.418  0.861   7.468  1.00 12.72 ? 10 DG  B "C4'" 1 
ATOM   187 O "O4'" . DG  B 1 4 ? 0.741   1.553   7.300  1.00 16.06 ? 10 DG  B "O4'" 1 
ATOM   188 C "C3'" . DG  B 1 4 ? -1.648  1.819   7.186  1.00 15.51 ? 10 DG  B "C3'" 1 
ATOM   189 O "O3'" . DG  B 1 4 ? -2.577  1.414   8.084  1.00 23.35 ? 10 DG  B "O3'" 1 
ATOM   190 C "C2'" . DG  B 1 4 ? -1.060  3.166   7.363  1.00 20.46 ? 10 DG  B "C2'" 1 
ATOM   191 C "C1'" . DG  B 1 4 ? 0.399   2.929   7.349  1.00 15.05 ? 10 DG  B "C1'" 1 
ATOM   192 N N9    . DG  B 1 4 ? 1.016   3.403   6.122  1.00 14.59 ? 10 DG  B N9    1 
ATOM   193 C C8    . DG  B 1 4 ? 2.086   4.210   6.155  1.00 9.78  ? 10 DG  B C8    1 
ATOM   194 N N7    . DG  B 1 4 ? 2.506   4.677   4.962  1.00 12.71 ? 10 DG  B N7    1 
ATOM   195 C C5    . DG  B 1 4 ? 1.624   3.950   4.114  1.00 13.01 ? 10 DG  B C5    1 
ATOM   196 C C6    . DG  B 1 4 ? 1.588   3.810   2.718  1.00 13.25 ? 10 DG  B C6    1 
ATOM   197 O O6    . DG  B 1 4 ? 2.462   4.383   1.946  1.00 13.34 ? 10 DG  B O6    1 
ATOM   198 N N1    . DG  B 1 4 ? 0.616   3.024   2.210  1.00 8.76  ? 10 DG  B N1    1 
ATOM   199 C C2    . DG  B 1 4 ? -0.224  2.349   3.014  1.00 10.57 ? 10 DG  B C2    1 
ATOM   200 N N2    . DG  B 1 4 ? -1.104  1.519   2.365  1.00 8.96  ? 10 DG  B N2    1 
ATOM   201 N N3    . DG  B 1 4 ? -0.276  2.284   4.376  1.00 7.23  ? 10 DG  B N3    1 
ATOM   202 C C4    . DG  B 1 4 ? 0.726   3.147   4.834  1.00 16.49 ? 10 DG  B C4    1 
HETATM 203 P P     . C46 B 1 5 ? -4.165  1.333   7.955  1.00 39.10 ? 11 C46 B P     1 
HETATM 204 O O1P   . C46 B 1 5 ? -4.754  1.809   9.318  1.00 34.79 ? 11 C46 B O1P   1 
HETATM 205 O O2P   . C46 B 1 5 ? -4.444  -0.095  7.690  1.00 39.05 ? 11 C46 B O2P   1 
HETATM 206 O "O5'" . C46 B 1 5 ? -4.568  2.337   6.806  1.00 31.20 ? 11 C46 B "O5'" 1 
HETATM 207 C "C5'" . C46 B 1 5 ? -6.105  2.441   6.534  1.00 17.97 ? 11 C46 B "C5'" 1 
HETATM 208 C "C4'" . C46 B 1 5 ? -6.133  3.032   5.116  1.00 7.35  ? 11 C46 B "C4'" 1 
HETATM 209 O "O4'" . C46 B 1 5 ? -5.345  4.066   4.801  1.00 11.95 ? 11 C46 B "O4'" 1 
HETATM 210 C "C3'" . C46 B 1 5 ? -5.520  1.910   4.177  1.00 6.52  ? 11 C46 B "C3'" 1 
HETATM 211 O "O3'" . C46 B 1 5 ? -6.283  1.521   3.058  1.00 17.98 ? 11 C46 B "O3'" 1 
HETATM 212 C "C2'" . C46 B 1 5 ? -4.217  2.423   3.621  1.00 6.73  ? 11 C46 B "C2'" 1 
HETATM 213 C "C1'" . C46 B 1 5 ? -4.578  3.912   3.704  1.00 6.91  ? 11 C46 B "C1'" 1 
HETATM 214 N N1    . C46 B 1 5 ? -3.404  4.765   3.950  1.00 6.11  ? 11 C46 B N1    1 
HETATM 215 C C2    . C46 B 1 5 ? -2.549  5.191   2.809  1.00 9.78  ? 11 C46 B C2    1 
HETATM 216 O O2    . C46 B 1 5 ? -2.892  4.719   1.784  1.00 11.53 ? 11 C46 B O2    1 
HETATM 217 N N3    . C46 B 1 5 ? -1.489  5.972   3.136  1.00 7.53  ? 11 C46 B N3    1 
HETATM 218 C C4    . C46 B 1 5 ? -1.181  6.378   4.465  1.00 13.13 ? 11 C46 B C4    1 
HETATM 219 N N4    . C46 B 1 5 ? -0.162  7.205   4.439  1.00 13.25 ? 11 C46 B N4    1 
HETATM 220 C C5    . C46 B 1 5 ? -2.113  6.008   5.490  1.00 11.69 ? 11 C46 B C5    1 
HETATM 221 C C6    . C46 B 1 5 ? -3.119  5.226   5.220  1.00 8.22  ? 11 C46 B C6    1 
HETATM 222 C CM5   . C46 B 1 5 ? -1.760  6.547   6.884  1.00 22.65 ? 11 C46 B CM5   1 
HETATM 223 O O4    . C46 B 1 5 ? -0.040  7.790   5.818  1.00 23.47 ? 11 C46 B O4    1 
HETATM 224 C C7    . C46 B 1 5 ? -0.348  6.917   6.871  1.00 13.55 ? 11 C46 B C7    1 
ATOM   225 P P     . DG  B 1 6 ? -7.370  0.398   2.798  1.00 18.99 ? 12 DG  B P     1 
ATOM   226 O OP1   . DG  B 1 6 ? -6.757  -0.936  3.110  1.00 30.12 ? 12 DG  B OP1   1 
ATOM   227 O OP2   . DG  B 1 6 ? -7.798  0.663   1.429  1.00 20.13 ? 12 DG  B OP2   1 
ATOM   228 O "O5'" . DG  B 1 6 ? -8.566  0.644   3.855  1.00 23.75 ? 12 DG  B "O5'" 1 
ATOM   229 C "C5'" . DG  B 1 6 ? -9.464  1.742   3.656  1.00 20.03 ? 12 DG  B "C5'" 1 
ATOM   230 C "C4'" . DG  B 1 6 ? -10.365 1.563   4.889  1.00 13.49 ? 12 DG  B "C4'" 1 
ATOM   231 O "O4'" . DG  B 1 6 ? -9.816  2.158   5.971  1.00 10.88 ? 12 DG  B "O4'" 1 
ATOM   232 C "C3'" . DG  B 1 6 ? -11.653 2.247   4.479  1.00 20.37 ? 12 DG  B "C3'" 1 
ATOM   233 O "O3'" . DG  B 1 6 ? -12.608 1.390   5.107  1.00 27.84 ? 12 DG  B "O3'" 1 
ATOM   234 C "C2'" . DG  B 1 6 ? -11.419 3.617   5.049  1.00 12.65 ? 12 DG  B "C2'" 1 
ATOM   235 C "C1'" . DG  B 1 6 ? -10.480 3.385   6.190  1.00 16.35 ? 12 DG  B "C1'" 1 
ATOM   236 N N9    . DG  B 1 6 ? -9.458  4.375   6.447  1.00 13.11 ? 12 DG  B N9    1 
ATOM   237 C C8    . DG  B 1 6 ? -9.122  4.895   7.639  1.00 10.12 ? 12 DG  B C8    1 
ATOM   238 N N7    . DG  B 1 6 ? -8.177  5.806   7.574  1.00 13.99 ? 12 DG  B N7    1 
ATOM   239 C C5    . DG  B 1 6 ? -7.889  5.979   6.201  1.00 9.16  ? 12 DG  B C5    1 
ATOM   240 C C6    . DG  B 1 6 ? -6.938  6.732   5.577  1.00 8.95  ? 12 DG  B C6    1 
ATOM   241 O O6    . DG  B 1 6 ? -6.119  7.550   6.006  1.00 12.56 ? 12 DG  B O6    1 
ATOM   242 N N1    . DG  B 1 6 ? -6.969  6.616   4.157  1.00 9.93  ? 12 DG  B N1    1 
ATOM   243 C C2    . DG  B 1 6 ? -7.800  5.776   3.517  1.00 4.44  ? 12 DG  B C2    1 
ATOM   244 N N2    . DG  B 1 6 ? -7.581  5.646   2.252  1.00 5.17  ? 12 DG  B N2    1 
ATOM   245 N N3    . DG  B 1 6 ? -8.608  4.922   4.168  1.00 8.58  ? 12 DG  B N3    1 
ATOM   246 C C4    . DG  B 1 6 ? -8.681  5.116   5.503  1.00 8.09  ? 12 DG  B C4    1 
HETATM 247 O O     . HOH C 2 . ? -4.564  4.087   -4.014 1.00 16.87 ? 13 HOH A O     1 
HETATM 248 O O     . HOH C 2 . ? -2.272  -3.793  -2.029 1.00 24.01 ? 15 HOH A O     1 
HETATM 249 O O     . HOH C 2 . ? 1.919   -8.933  1.894  1.00 18.81 ? 18 HOH A O     1 
HETATM 250 O O     . HOH C 2 . ? -4.511  -6.416  -1.999 1.00 26.64 ? 20 HOH A O     1 
HETATM 251 O O     . HOH C 2 . ? -6.340  5.896   -4.118 1.00 23.44 ? 21 HOH A O     1 
HETATM 252 O O     . HOH C 2 . ? -3.621  0.564   0.082  1.00 37.17 ? 30 HOH A O     1 
HETATM 253 O O     . HOH C 2 . ? 5.398   -0.010  -8.227 1.00 65.65 ? 31 HOH A O     1 
HETATM 254 O O     . HOH C 2 . ? -5.180  4.029   -0.095 1.00 25.02 ? 32 HOH A O     1 
HETATM 255 O O     . HOH C 2 . ? -3.144  -9.265  3.966  1.00 32.37 ? 33 HOH A O     1 
HETATM 256 O O     . HOH C 2 . ? 5.417   6.640   -0.124 1.00 41.54 ? 34 HOH A O     1 
HETATM 257 O O     . HOH C 2 . ? -7.407  6.386   -1.388 1.00 23.83 ? 36 HOH A O     1 
HETATM 258 O O     . HOH C 2 . ? 5.018   5.050   -1.959 1.00 38.73 ? 41 HOH A O     1 
HETATM 259 O O     . HOH C 2 . ? -6.646  3.123   -7.273 1.00 50.15 ? 45 HOH A O     1 
HETATM 260 O O     . HOH C 2 . ? 3.023   0.517   -9.487 1.00 50.39 ? 46 HOH A O     1 
HETATM 261 O O     . HOH C 2 . ? 3.652   -7.686  2.650  1.00 31.08 ? 50 HOH A O     1 
HETATM 262 O O     . HOH C 2 . ? -3.500  13.026  -2.848 1.00 53.10 ? 52 HOH A O     1 
HETATM 263 O O     . HOH C 2 . ? -2.824  -11.884 -4.098 1.00 45.03 ? 53 HOH A O     1 
HETATM 264 O O     . HOH C 2 . ? 3.495   8.041   0.182  1.00 54.06 ? 55 HOH A O     1 
HETATM 265 O O     . HOH C 2 . ? -0.416  -8.175  -6.606 1.00 45.25 ? 56 HOH A O     1 
HETATM 266 O O     . HOH C 2 . ? 5.499   7.781   -3.848 1.00 37.93 ? 58 HOH A O     1 
HETATM 267 O O     . HOH C 2 . ? -3.140  15.674  -2.889 1.00 69.58 ? 59 HOH A O     1 
HETATM 268 O O     . HOH C 2 . ? 1.825   -11.237 -7.646 1.00 49.33 ? 60 HOH A O     1 
HETATM 269 O O     . HOH C 2 . ? 2.025   -5.043  0.992  1.00 45.86 ? 63 HOH A O     1 
HETATM 270 O O     . HOH D 2 . ? 4.998   -4.054  3.610  1.00 17.33 ? 14 HOH B O     1 
HETATM 271 O O     . HOH D 2 . ? -8.309  3.337   0.448  1.00 24.78 ? 16 HOH B O     1 
HETATM 272 O O     . HOH D 2 . ? -2.577  -0.653  3.411  1.00 21.90 ? 17 HOH B O     1 
HETATM 273 O O     . HOH D 2 . ? -1.505  10.198  6.158  1.00 20.66 ? 19 HOH B O     1 
HETATM 274 O O     . HOH D 2 . ? -11.349 2.018   0.101  1.00 27.55 ? 22 HOH B O     1 
HETATM 275 O O     . HOH D 2 . ? -4.546  -0.797  11.153 1.00 30.21 ? 23 HOH B O     1 
HETATM 276 O O     . HOH D 2 . ? -4.811  -2.651  9.244  1.00 41.00 ? 24 HOH B O     1 
HETATM 277 O O     . HOH D 2 . ? -6.067  6.054   12.310 1.00 65.11 ? 25 HOH B O     1 
HETATM 278 O O     . HOH D 2 . ? 6.540   3.033   -2.709 1.00 24.06 ? 26 HOH B O     1 
HETATM 279 O O     . HOH D 2 . ? 12.498  -3.155  -3.748 1.00 44.77 ? 27 HOH B O     1 
HETATM 280 O O     . HOH D 2 . ? 7.090   -6.912  -8.174 1.00 29.66 ? 28 HOH B O     1 
HETATM 281 O O     . HOH D 2 . ? -3.251  10.578  8.447  1.00 38.47 ? 29 HOH B O     1 
HETATM 282 O O     . HOH D 2 . ? -0.276  12.105  4.733  1.00 20.17 ? 35 HOH B O     1 
HETATM 283 O O     . HOH D 2 . ? 5.318   7.579   2.419  1.00 35.30 ? 37 HOH B O     1 
HETATM 284 O O     . HOH D 2 . ? -1.216  -1.522  0.956  1.00 28.50 ? 38 HOH B O     1 
HETATM 285 O O     . HOH D 2 . ? -6.338  1.394   -1.612 1.00 37.63 ? 39 HOH B O     1 
HETATM 286 O O     . HOH D 2 . ? -8.205  -2.891  4.496  1.00 31.63 ? 40 HOH B O     1 
HETATM 287 O O     . HOH D 2 . ? 6.694   -6.778  2.892  1.00 49.81 ? 42 HOH B O     1 
HETATM 288 O O     . HOH D 2 . ? 5.630   4.334   2.051  1.00 32.07 ? 43 HOH B O     1 
HETATM 289 O O     . HOH D 2 . ? 8.552   -3.032  -4.817 1.00 41.84 ? 44 HOH B O     1 
HETATM 290 O O     . HOH D 2 . ? -7.401  -2.893  7.696  1.00 53.18 ? 47 HOH B O     1 
HETATM 291 O O     . HOH D 2 . ? 10.212  -0.458  -4.676 1.00 64.33 ? 48 HOH B O     1 
HETATM 292 O O     . HOH D 2 . ? -5.048  8.074   8.412  1.00 69.33 ? 49 HOH B O     1 
HETATM 293 O O     . HOH D 2 . ? 9.655   1.908   -3.695 1.00 56.41 ? 51 HOH B O     1 
HETATM 294 O O     . HOH D 2 . ? -6.790  -3.999  2.404  1.00 44.24 ? 54 HOH B O     1 
HETATM 295 O O     . HOH D 2 . ? -4.409  4.950   9.338  1.00 51.60 ? 57 HOH B O     1 
HETATM 296 O O     . HOH D 2 . ? 2.248   -5.553  4.341  1.00 58.01 ? 61 HOH B O     1 
HETATM 297 O O     . HOH D 2 . ? 4.305   6.152   3.919  1.00 61.67 ? 62 HOH B O     1 
# 
